data_7C34
#
_entry.id   7C34
#
_cell.length_a   56.091
_cell.length_b   103.771
_cell.length_c   186.507
_cell.angle_alpha   90.000
_cell.angle_beta   90.000
_cell.angle_gamma   90.000
#
_symmetry.space_group_name_H-M   'P 21 21 21'
#
loop_
_entity.id
_entity.type
_entity.pdbx_description
1 polymer Chitinase
2 non-polymer BERBERINE
3 water water
#
_entity_poly.entity_id   1
_entity_poly.type   'polypeptide(L)'
_entity_poly.pdbx_seq_one_letter_code
;TRKAVIGYYFIPTNQINNYTETDTSVVPFPVSNITPAKAKQLTHINFSFLDINSNLECAWDPATNDAKARDVVNRLTALK
AHNPSLRIMFSIGGWYYSNDLGVSHANYVNAVKTPASRAKFAQSCVRIMKDYGFDGVDIDWEYPQAAEVDGFIAALQEIR
TLLNQQTITDGRQALPYQLTIAGAGGAFFLSRYYSKLAQIVAPLDYINLMTYDLAGPWEKVTNHQAALFGDAAGPTFYNA
LREANLGWSWEELTRAFPSPFSLTVDAAVQQHLMMEGVPSAKIVMGVPFYGRAFKGVSGGNGGQYSSHSTPGEDPYPSTD
YWLVGCEECVRDKDPRIASYRQLEQMLQGNYGYQRLWNDKTKTPYLYHAQNGLFVTYDDAESFKYKAKYIKQQQLGGVMF
WHLGQDNRNGDLLAALDRYFNAADYDDSQLDMGTGLRYTGVGPGNLPIMTAPAYVPGTTYAQGALVSYQGYVWQTKWGYI
TSAPGSDSAWLKVGRV
;
_entity_poly.pdbx_strand_id   A,B
#
# COMPACT_ATOMS: atom_id res chain seq x y z
N THR A 1 -25.25 29.81 -0.16
CA THR A 1 -25.06 29.46 -1.56
C THR A 1 -26.05 28.39 -2.01
N ARG A 2 -26.72 28.65 -3.12
CA ARG A 2 -27.76 27.75 -3.62
C ARG A 2 -27.16 26.41 -4.05
N LYS A 3 -27.82 25.32 -3.68
CA LYS A 3 -27.37 24.01 -4.12
C LYS A 3 -27.65 23.85 -5.61
N ALA A 4 -26.72 23.21 -6.30
CA ALA A 4 -26.95 22.90 -7.70
C ALA A 4 -28.05 21.86 -7.83
N VAL A 5 -28.81 21.97 -8.90
CA VAL A 5 -29.82 20.97 -9.29
C VAL A 5 -29.61 20.75 -10.78
N ILE A 6 -28.93 19.67 -11.14
CA ILE A 6 -28.42 19.42 -12.49
C ILE A 6 -29.22 18.27 -13.08
N GLY A 7 -30.06 18.56 -14.06
CA GLY A 7 -30.89 17.55 -14.72
C GLY A 7 -30.45 17.27 -16.15
N TYR A 8 -30.30 15.99 -16.47
CA TYR A 8 -29.95 15.61 -17.84
C TYR A 8 -31.16 15.72 -18.75
N TYR A 9 -30.95 16.28 -19.93
CA TYR A 9 -31.91 16.23 -21.02
C TYR A 9 -31.25 15.34 -22.06
N PHE A 10 -31.74 14.11 -22.21
CA PHE A 10 -31.18 13.17 -23.17
C PHE A 10 -32.13 13.07 -24.36
N ILE A 11 -31.59 13.23 -25.56
CA ILE A 11 -32.43 13.07 -26.74
C ILE A 11 -31.64 12.29 -27.78
N PRO A 12 -32.17 11.15 -28.24
CA PRO A 12 -31.44 10.38 -29.25
C PRO A 12 -31.43 11.10 -30.60
N THR A 13 -30.47 10.71 -31.45
CA THR A 13 -30.34 11.35 -32.75
C THR A 13 -31.62 11.24 -33.56
N ASN A 14 -32.34 10.13 -33.48
CA ASN A 14 -33.51 9.96 -34.33
C ASN A 14 -34.64 10.86 -33.87
N GLN A 15 -34.67 11.18 -32.56
CA GLN A 15 -35.64 12.15 -32.05
C GLN A 15 -35.28 13.58 -32.43
N ILE A 16 -34.00 13.95 -32.42
CA ILE A 16 -33.63 15.25 -32.95
C ILE A 16 -34.05 15.34 -34.40
N ASN A 17 -33.66 14.34 -35.18
CA ASN A 17 -33.89 14.38 -36.62
C ASN A 17 -35.37 14.39 -36.97
N ASN A 18 -36.23 14.00 -36.05
CA ASN A 18 -37.67 14.02 -36.28
C ASN A 18 -38.39 14.80 -35.22
N TYR A 19 -37.74 15.84 -34.71
CA TYR A 19 -38.23 16.52 -33.51
C TYR A 19 -39.62 17.10 -33.74
N THR A 20 -40.52 16.82 -32.81
CA THR A 20 -41.81 17.47 -32.74
C THR A 20 -42.22 17.60 -31.28
N GLU A 21 -43.03 18.62 -30.98
CA GLU A 21 -43.61 18.80 -29.66
C GLU A 21 -45.04 18.32 -29.59
N THR A 22 -45.47 17.53 -30.58
CA THR A 22 -46.87 17.16 -30.76
C THR A 22 -47.10 15.65 -30.88
N ASP A 23 -46.12 14.81 -30.54
CA ASP A 23 -46.30 13.39 -30.79
C ASP A 23 -45.36 12.60 -29.88
N THR A 24 -45.88 12.15 -28.74
CA THR A 24 -45.06 11.43 -27.78
C THR A 24 -44.64 10.06 -28.27
N SER A 25 -45.22 9.57 -29.38
CA SER A 25 -44.75 8.32 -29.97
C SER A 25 -43.40 8.53 -30.65
N VAL A 26 -43.09 9.75 -31.02
CA VAL A 26 -41.85 10.09 -31.71
C VAL A 26 -40.86 10.73 -30.75
N VAL A 27 -41.29 11.77 -30.05
CA VAL A 27 -40.47 12.42 -29.03
C VAL A 27 -41.26 12.38 -27.73
N PRO A 28 -40.95 11.45 -26.83
CA PRO A 28 -41.73 11.38 -25.58
C PRO A 28 -41.61 12.62 -24.70
N PHE A 29 -40.48 13.33 -24.71
CA PHE A 29 -40.26 14.43 -23.76
C PHE A 29 -39.63 15.60 -24.49
N PRO A 30 -40.45 16.35 -25.23
CA PRO A 30 -39.94 17.54 -25.92
C PRO A 30 -39.63 18.64 -24.93
N VAL A 31 -38.86 19.63 -25.42
CA VAL A 31 -38.44 20.72 -24.55
C VAL A 31 -39.64 21.47 -24.00
N SER A 32 -40.75 21.47 -24.73
CA SER A 32 -41.96 22.15 -24.26
C SER A 32 -42.45 21.60 -22.92
N ASN A 33 -42.11 20.37 -22.58
CA ASN A 33 -42.53 19.88 -21.29
C ASN A 33 -41.75 20.48 -20.13
N ILE A 34 -40.66 21.20 -20.40
CA ILE A 34 -39.93 21.92 -19.36
C ILE A 34 -40.58 23.30 -19.22
N THR A 35 -41.53 23.38 -18.30
CA THR A 35 -42.28 24.59 -18.11
C THR A 35 -41.43 25.64 -17.41
N PRO A 36 -41.91 26.89 -17.38
CA PRO A 36 -41.18 27.91 -16.61
C PRO A 36 -40.96 27.51 -15.15
N ALA A 37 -41.93 26.84 -14.53
CA ALA A 37 -41.78 26.47 -13.12
C ALA A 37 -40.63 25.47 -12.95
N LYS A 38 -40.58 24.50 -13.85
CA LYS A 38 -39.50 23.52 -13.84
C LYS A 38 -38.17 24.17 -14.19
N ALA A 39 -38.15 25.07 -15.17
CA ALA A 39 -36.90 25.78 -15.47
C ALA A 39 -36.38 26.52 -14.26
N LYS A 40 -37.28 27.05 -13.42
CA LYS A 40 -36.81 27.75 -12.24
C LYS A 40 -36.33 26.82 -11.13
N GLN A 41 -36.75 25.57 -11.15
CA GLN A 41 -36.26 24.61 -10.16
C GLN A 41 -34.90 23.99 -10.51
N LEU A 42 -34.46 24.15 -11.72
CA LEU A 42 -33.15 23.71 -12.19
C LEU A 42 -32.11 24.81 -12.09
N THR A 43 -30.87 24.41 -11.82
CA THR A 43 -29.75 25.31 -12.05
C THR A 43 -28.99 24.99 -13.33
N HIS A 44 -29.02 23.73 -13.74
CA HIS A 44 -28.32 23.30 -14.93
C HIS A 44 -29.13 22.23 -15.66
N ILE A 45 -29.08 22.27 -16.97
CA ILE A 45 -29.57 21.19 -17.81
C ILE A 45 -28.38 20.69 -18.60
N ASN A 46 -28.08 19.39 -18.50
CA ASN A 46 -27.00 18.81 -19.30
C ASN A 46 -27.61 18.19 -20.55
N PHE A 47 -27.48 18.90 -21.67
CA PHE A 47 -27.89 18.35 -22.95
C PHE A 47 -26.99 17.20 -23.33
N SER A 48 -27.55 16.04 -23.70
CA SER A 48 -26.72 14.85 -23.94
C SER A 48 -27.23 14.02 -25.12
N PHE A 49 -26.32 13.33 -25.85
CA PHE A 49 -24.89 13.32 -25.67
C PHE A 49 -24.22 13.79 -26.97
N LEU A 50 -23.12 14.52 -26.89
CA LEU A 50 -22.19 14.67 -28.00
C LEU A 50 -21.07 13.67 -27.78
N ASP A 51 -20.07 13.67 -28.69
CA ASP A 51 -19.08 12.61 -28.78
C ASP A 51 -17.73 13.22 -29.12
N ILE A 52 -16.72 12.36 -29.21
CA ILE A 52 -15.42 12.72 -29.76
C ILE A 52 -15.25 11.89 -31.03
N ASN A 53 -14.98 12.55 -32.16
CA ASN A 53 -14.92 11.84 -33.44
C ASN A 53 -13.51 11.36 -33.78
N SER A 54 -13.37 10.72 -34.95
CA SER A 54 -12.11 10.21 -35.47
C SER A 54 -11.03 11.32 -35.59
N ASN A 55 -11.47 12.56 -35.77
CA ASN A 55 -10.54 13.69 -35.81
C ASN A 55 -10.13 14.16 -34.42
N LEU A 56 -10.57 13.44 -33.38
CA LEU A 56 -10.21 13.78 -31.99
C LEU A 56 -10.73 15.18 -31.62
N GLU A 57 -11.89 15.48 -32.12
CA GLU A 57 -12.57 16.72 -31.78
C GLU A 57 -13.96 16.43 -31.24
N CYS A 58 -14.43 17.32 -30.36
CA CYS A 58 -15.82 17.26 -29.92
C CYS A 58 -16.74 17.45 -31.11
N ALA A 59 -17.80 16.63 -31.18
CA ALA A 59 -18.69 16.71 -32.34
C ALA A 59 -20.05 16.06 -32.04
N TRP A 60 -21.06 16.49 -32.78
CA TRP A 60 -22.31 15.77 -32.76
C TRP A 60 -22.16 14.41 -33.47
N ASP A 61 -23.01 13.46 -33.13
CA ASP A 61 -23.17 12.23 -33.90
C ASP A 61 -23.30 12.57 -35.40
N PRO A 62 -22.54 11.90 -36.28
CA PRO A 62 -22.51 12.32 -37.69
C PRO A 62 -23.86 12.20 -38.37
N ALA A 63 -24.76 11.40 -37.83
CA ALA A 63 -26.10 11.28 -38.41
C ALA A 63 -27.05 12.39 -37.97
N THR A 64 -26.59 13.34 -37.16
CA THR A 64 -27.47 14.40 -36.67
C THR A 64 -27.78 15.41 -37.77
N ASN A 65 -29.05 15.77 -37.90
CA ASN A 65 -29.46 16.88 -38.75
C ASN A 65 -29.15 18.18 -37.99
N ASP A 66 -28.18 18.95 -38.47
CA ASP A 66 -27.67 20.05 -37.68
C ASP A 66 -28.69 21.17 -37.50
N ALA A 67 -29.56 21.40 -38.49
CA ALA A 67 -30.56 22.44 -38.30
C ALA A 67 -31.53 22.06 -37.19
N LYS A 68 -31.91 20.78 -37.11
CA LYS A 68 -32.83 20.35 -36.07
C LYS A 68 -32.15 20.37 -34.70
N ALA A 69 -30.87 19.98 -34.66
CA ALA A 69 -30.13 20.05 -33.41
C ALA A 69 -30.08 21.50 -32.90
N ARG A 70 -29.72 22.44 -33.78
CA ARG A 70 -29.68 23.83 -33.36
C ARG A 70 -31.04 24.29 -32.83
N ASP A 71 -32.11 23.83 -33.47
CA ASP A 71 -33.43 24.26 -33.01
C ASP A 71 -33.76 23.71 -31.62
N VAL A 72 -33.43 22.45 -31.38
CA VAL A 72 -33.65 21.85 -30.06
C VAL A 72 -32.86 22.61 -29.00
N VAL A 73 -31.58 22.88 -29.30
CA VAL A 73 -30.75 23.58 -28.33
C VAL A 73 -31.28 25.00 -28.08
N ASN A 74 -31.73 25.68 -29.14
CA ASN A 74 -32.29 27.02 -28.98
C ASN A 74 -33.53 27.01 -28.07
N ARG A 75 -34.36 25.99 -28.21
CA ARG A 75 -35.51 25.86 -27.32
C ARG A 75 -35.07 25.72 -25.86
N LEU A 76 -34.00 24.95 -25.61
CA LEU A 76 -33.51 24.85 -24.25
C LEU A 76 -32.91 26.17 -23.76
N THR A 77 -32.11 26.83 -24.59
CA THR A 77 -31.50 28.06 -24.07
C THR A 77 -32.54 29.16 -23.88
N ALA A 78 -33.68 29.07 -24.58
CA ALA A 78 -34.78 30.01 -24.37
C ALA A 78 -35.34 29.93 -22.98
N LEU A 79 -35.17 28.79 -22.29
CA LEU A 79 -35.66 28.67 -20.93
C LEU A 79 -34.97 29.62 -19.96
N LYS A 80 -33.80 30.13 -20.33
CA LYS A 80 -33.10 31.07 -19.45
C LYS A 80 -33.91 32.36 -19.26
N ALA A 81 -34.87 32.62 -20.14
CA ALA A 81 -35.76 33.75 -19.92
C ALA A 81 -36.50 33.62 -18.59
N HIS A 82 -36.70 32.40 -18.11
CA HIS A 82 -37.44 32.14 -16.88
C HIS A 82 -36.55 32.03 -15.64
N ASN A 83 -35.26 31.89 -15.81
CA ASN A 83 -34.37 31.60 -14.68
C ASN A 83 -32.99 32.13 -15.08
N PRO A 84 -32.60 33.31 -14.56
CA PRO A 84 -31.32 33.90 -15.00
C PRO A 84 -30.08 33.21 -14.47
N SER A 85 -30.22 32.23 -13.59
CA SER A 85 -29.08 31.44 -13.18
C SER A 85 -28.99 30.12 -13.93
N LEU A 86 -29.95 29.80 -14.80
CA LEU A 86 -29.95 28.50 -15.47
C LEU A 86 -28.84 28.45 -16.53
N ARG A 87 -28.15 27.32 -16.56
CA ARG A 87 -27.13 27.02 -17.55
C ARG A 87 -27.52 25.79 -18.36
N ILE A 88 -27.45 25.89 -19.69
CA ILE A 88 -27.61 24.73 -20.58
C ILE A 88 -26.19 24.24 -20.90
N MET A 89 -25.75 23.22 -20.19
CA MET A 89 -24.49 22.57 -20.47
C MET A 89 -24.68 21.59 -21.61
N PHE A 90 -23.56 21.13 -22.18
CA PHE A 90 -23.65 19.95 -23.05
C PHE A 90 -22.67 18.89 -22.53
N SER A 91 -23.05 17.63 -22.69
CA SER A 91 -22.28 16.50 -22.18
C SER A 91 -21.70 15.73 -23.34
N ILE A 92 -20.42 15.42 -23.22
CA ILE A 92 -19.68 14.60 -24.19
C ILE A 92 -19.48 13.23 -23.58
N GLY A 93 -19.87 12.19 -24.33
CA GLY A 93 -19.59 10.87 -23.85
C GLY A 93 -20.79 10.03 -23.49
N GLY A 94 -20.88 9.59 -22.24
CA GLY A 94 -21.86 8.62 -21.84
C GLY A 94 -21.37 7.20 -22.09
N TRP A 95 -22.14 6.24 -21.57
CA TRP A 95 -21.70 4.85 -21.64
C TRP A 95 -21.59 4.35 -23.07
N TYR A 96 -22.62 4.61 -23.86
CA TYR A 96 -22.66 4.02 -25.20
C TYR A 96 -21.45 4.42 -26.02
N TYR A 97 -21.08 5.70 -25.99
CA TYR A 97 -19.96 6.17 -26.78
C TYR A 97 -18.60 5.81 -26.16
N SER A 98 -18.47 5.89 -24.85
CA SER A 98 -17.14 5.97 -24.25
C SER A 98 -16.73 4.81 -23.35
N ASN A 99 -17.60 3.83 -23.09
CA ASN A 99 -17.16 2.69 -22.30
C ASN A 99 -16.07 1.95 -23.07
N ASP A 100 -15.32 1.08 -22.36
CA ASP A 100 -14.12 0.46 -22.92
C ASP A 100 -14.42 -0.25 -24.24
N LEU A 101 -15.62 -0.84 -24.33
CA LEU A 101 -16.06 -1.56 -25.51
C LEU A 101 -17.04 -0.77 -26.37
N GLY A 102 -17.12 0.55 -26.17
CA GLY A 102 -18.06 1.37 -26.91
C GLY A 102 -17.53 1.86 -28.26
N VAL A 103 -18.43 2.45 -29.04
CA VAL A 103 -18.11 2.70 -30.44
C VAL A 103 -17.00 3.74 -30.62
N SER A 104 -16.87 4.70 -29.73
CA SER A 104 -15.90 5.76 -29.91
C SER A 104 -14.77 5.74 -28.88
N HIS A 105 -14.61 4.67 -28.13
CA HIS A 105 -13.66 4.68 -27.00
C HIS A 105 -12.27 5.17 -27.42
N ALA A 106 -11.76 4.65 -28.54
CA ALA A 106 -10.39 4.99 -28.92
C ALA A 106 -10.22 6.48 -29.10
N ASN A 107 -11.28 7.18 -29.49
CA ASN A 107 -11.17 8.63 -29.71
C ASN A 107 -10.96 9.36 -28.39
N TYR A 108 -11.52 8.83 -27.30
CA TYR A 108 -11.31 9.45 -25.99
C TYR A 108 -9.89 9.25 -25.56
N VAL A 109 -9.42 8.00 -25.70
CA VAL A 109 -8.04 7.69 -25.34
C VAL A 109 -7.07 8.57 -26.13
N ASN A 110 -7.28 8.68 -27.44
CA ASN A 110 -6.33 9.38 -28.29
C ASN A 110 -6.43 10.89 -28.18
N ALA A 111 -7.63 11.44 -27.91
CA ALA A 111 -7.74 12.89 -27.81
C ALA A 111 -6.89 13.47 -26.71
N VAL A 112 -6.70 12.74 -25.61
CA VAL A 112 -6.03 13.27 -24.43
C VAL A 112 -4.55 12.93 -24.41
N LYS A 113 -4.03 12.30 -25.46
CA LYS A 113 -2.73 11.64 -25.40
C LYS A 113 -1.59 12.65 -25.46
N THR A 114 -1.71 13.71 -26.24
CA THR A 114 -0.57 14.59 -26.44
C THR A 114 -0.90 16.05 -26.20
N PRO A 115 0.14 16.89 -26.02
CA PRO A 115 -0.11 18.35 -25.93
C PRO A 115 -0.91 18.88 -27.10
N ALA A 116 -0.54 18.46 -28.31
CA ALA A 116 -1.23 18.95 -29.50
C ALA A 116 -2.67 18.44 -29.53
N SER A 117 -2.89 17.17 -29.18
CA SER A 117 -4.22 16.59 -29.27
C SER A 117 -5.12 17.19 -28.21
N ARG A 118 -4.59 17.40 -27.01
CA ARG A 118 -5.38 18.01 -25.95
C ARG A 118 -5.76 19.43 -26.33
N ALA A 119 -4.82 20.20 -26.92
CA ALA A 119 -5.15 21.57 -27.31
C ALA A 119 -6.23 21.58 -28.38
N LYS A 120 -6.10 20.73 -29.40
CA LYS A 120 -7.12 20.67 -30.45
C LYS A 120 -8.48 20.26 -29.89
N PHE A 121 -8.48 19.27 -29.01
CA PHE A 121 -9.74 18.82 -28.42
C PHE A 121 -10.37 19.93 -27.57
N ALA A 122 -9.57 20.56 -26.71
CA ALA A 122 -10.10 21.61 -25.86
C ALA A 122 -10.69 22.75 -26.69
N GLN A 123 -9.96 23.18 -27.71
CA GLN A 123 -10.49 24.22 -28.60
C GLN A 123 -11.81 23.80 -29.20
N SER A 124 -11.92 22.53 -29.61
CA SER A 124 -13.15 22.09 -30.25
C SER A 124 -14.32 22.15 -29.28
N CYS A 125 -14.05 21.86 -27.99
CA CYS A 125 -15.11 21.94 -26.98
C CYS A 125 -15.64 23.36 -26.84
N VAL A 126 -14.73 24.32 -26.77
CA VAL A 126 -15.18 25.71 -26.63
C VAL A 126 -15.88 26.19 -27.89
N ARG A 127 -15.40 25.77 -29.05
CA ARG A 127 -16.05 26.14 -30.30
CA ARG A 127 -16.04 26.14 -30.30
C ARG A 127 -17.48 25.61 -30.36
N ILE A 128 -17.68 24.34 -30.04
CA ILE A 128 -19.04 23.78 -29.97
C ILE A 128 -19.90 24.59 -29.01
N MET A 129 -19.39 24.81 -27.80
CA MET A 129 -20.11 25.58 -26.80
C MET A 129 -20.61 26.90 -27.37
N LYS A 130 -19.69 27.65 -28.00
CA LYS A 130 -20.05 29.00 -28.47
C LYS A 130 -20.98 28.94 -29.66
N ASP A 131 -20.75 27.99 -30.56
CA ASP A 131 -21.48 27.93 -31.81
C ASP A 131 -22.92 27.53 -31.59
N TYR A 132 -23.18 26.65 -30.62
CA TYR A 132 -24.56 26.22 -30.37
C TYR A 132 -25.22 26.99 -29.25
N GLY A 133 -24.45 27.77 -28.50
CA GLY A 133 -25.01 28.59 -27.45
C GLY A 133 -25.08 27.95 -26.09
N PHE A 134 -24.26 26.94 -25.83
CA PHE A 134 -24.26 26.32 -24.52
C PHE A 134 -23.52 27.18 -23.49
N ASP A 135 -23.70 26.84 -22.22
CA ASP A 135 -23.18 27.62 -21.09
C ASP A 135 -22.05 26.93 -20.35
N GLY A 136 -21.65 25.74 -20.81
CA GLY A 136 -20.50 25.07 -20.28
C GLY A 136 -20.38 23.69 -20.90
N VAL A 137 -19.35 22.99 -20.44
CA VAL A 137 -18.91 21.71 -20.97
C VAL A 137 -18.93 20.69 -19.84
N ASP A 138 -19.54 19.52 -20.09
CA ASP A 138 -19.55 18.41 -19.15
C ASP A 138 -18.99 17.20 -19.88
N ILE A 139 -18.02 16.51 -19.29
CA ILE A 139 -17.43 15.31 -19.91
C ILE A 139 -17.77 14.09 -19.08
N ASP A 140 -18.37 13.10 -19.74
CA ASP A 140 -18.85 11.86 -19.18
C ASP A 140 -18.15 10.68 -19.84
N TRP A 141 -16.83 10.63 -19.71
CA TRP A 141 -16.08 9.44 -20.13
C TRP A 141 -16.18 8.36 -19.06
N GLU A 142 -16.75 7.22 -19.43
CA GLU A 142 -16.99 6.14 -18.49
C GLU A 142 -16.10 4.94 -18.83
N TYR A 143 -14.82 4.98 -18.47
CA TYR A 143 -14.12 5.91 -17.56
C TYR A 143 -12.65 5.86 -18.01
N PRO A 144 -11.89 6.93 -17.81
CA PRO A 144 -10.44 6.85 -18.11
C PRO A 144 -9.76 5.82 -17.20
N GLN A 145 -8.78 5.12 -17.77
CA GLN A 145 -7.99 4.14 -17.03
C GLN A 145 -6.73 4.82 -16.51
N ALA A 146 -5.98 4.10 -15.65
CA ALA A 146 -4.91 4.72 -14.88
C ALA A 146 -3.93 5.44 -15.80
N ALA A 147 -3.48 4.76 -16.85
CA ALA A 147 -2.45 5.36 -17.71
C ALA A 147 -2.96 6.57 -18.49
N GLU A 148 -4.28 6.78 -18.57
CA GLU A 148 -4.87 7.87 -19.31
C GLU A 148 -5.21 9.07 -18.42
N VAL A 149 -5.12 8.87 -17.10
CA VAL A 149 -5.62 9.90 -16.20
C VAL A 149 -4.82 11.21 -16.35
N ASP A 150 -3.49 11.11 -16.44
CA ASP A 150 -2.73 12.37 -16.51
C ASP A 150 -3.09 13.16 -17.78
N GLY A 151 -3.31 12.47 -18.89
CA GLY A 151 -3.67 13.20 -20.09
C GLY A 151 -5.06 13.78 -19.96
N PHE A 152 -5.97 13.00 -19.38
CA PHE A 152 -7.34 13.48 -19.11
C PHE A 152 -7.31 14.75 -18.30
N ILE A 153 -6.50 14.74 -17.22
CA ILE A 153 -6.39 15.89 -16.32
C ILE A 153 -5.93 17.10 -17.10
N ALA A 154 -4.90 16.90 -17.94
CA ALA A 154 -4.31 18.02 -18.67
C ALA A 154 -5.31 18.59 -19.63
N ALA A 155 -6.14 17.72 -20.24
CA ALA A 155 -7.18 18.21 -21.13
C ALA A 155 -8.18 19.05 -20.37
N LEU A 156 -8.59 18.57 -19.18
CA LEU A 156 -9.48 19.37 -18.35
C LEU A 156 -8.85 20.71 -17.99
N GLN A 157 -7.56 20.72 -17.65
CA GLN A 157 -6.93 22.00 -17.36
CA GLN A 157 -6.88 21.99 -17.37
C GLN A 157 -6.95 22.90 -18.59
N GLU A 158 -6.74 22.33 -19.78
CA GLU A 158 -6.73 23.15 -20.97
C GLU A 158 -8.12 23.72 -21.23
N ILE A 159 -9.18 22.93 -20.97
CA ILE A 159 -10.52 23.47 -21.19
C ILE A 159 -10.78 24.60 -20.21
N ARG A 160 -10.36 24.42 -18.95
CA ARG A 160 -10.56 25.45 -17.95
C ARG A 160 -9.90 26.75 -18.41
N THR A 161 -8.69 26.64 -18.96
CA THR A 161 -7.99 27.85 -19.35
C THR A 161 -8.77 28.57 -20.45
N LEU A 162 -9.25 27.82 -21.44
CA LEU A 162 -9.97 28.47 -22.51
C LEU A 162 -11.30 29.02 -21.99
N LEU A 163 -11.96 28.29 -21.08
CA LEU A 163 -13.29 28.74 -20.68
C LEU A 163 -13.20 30.02 -19.88
N ASN A 164 -12.22 30.09 -18.97
CA ASN A 164 -11.99 31.32 -18.22
C ASN A 164 -11.70 32.48 -19.17
N GLN A 165 -10.89 32.24 -20.20
CA GLN A 165 -10.66 33.34 -21.14
C GLN A 165 -11.96 33.72 -21.81
N GLN A 166 -12.75 32.72 -22.22
CA GLN A 166 -13.99 33.01 -22.91
C GLN A 166 -14.95 33.78 -21.99
N THR A 167 -14.97 33.42 -20.70
CA THR A 167 -15.85 34.15 -19.79
C THR A 167 -15.52 35.65 -19.82
N ILE A 168 -14.22 35.97 -19.76
CA ILE A 168 -13.83 37.38 -19.70
C ILE A 168 -14.12 38.04 -21.02
N THR A 169 -13.88 37.31 -22.12
CA THR A 169 -14.11 37.87 -23.44
C THR A 169 -15.58 38.11 -23.68
N ASP A 170 -16.45 37.36 -23.01
CA ASP A 170 -17.88 37.45 -23.28
C ASP A 170 -18.60 38.24 -22.22
N GLY A 171 -17.89 38.76 -21.23
CA GLY A 171 -18.57 39.55 -20.21
C GLY A 171 -19.39 38.76 -19.23
N ARG A 172 -19.05 37.49 -19.02
CA ARG A 172 -19.92 36.55 -18.34
C ARG A 172 -19.52 36.34 -16.88
N GLN A 173 -18.95 37.37 -16.26
CA GLN A 173 -18.55 37.27 -14.87
C GLN A 173 -19.72 36.86 -13.97
N ALA A 174 -20.94 37.30 -14.28
CA ALA A 174 -22.09 36.99 -13.42
C ALA A 174 -22.54 35.53 -13.59
N LEU A 175 -22.22 34.92 -14.73
CA LEU A 175 -22.60 33.52 -14.98
C LEU A 175 -21.47 32.88 -15.77
N PRO A 176 -20.35 32.59 -15.12
CA PRO A 176 -19.19 32.13 -15.87
C PRO A 176 -19.43 30.79 -16.54
N TYR A 177 -18.77 30.57 -17.66
CA TYR A 177 -18.78 29.26 -18.27
C TYR A 177 -18.22 28.24 -17.29
N GLN A 178 -18.82 27.05 -17.26
CA GLN A 178 -18.46 26.01 -16.31
C GLN A 178 -17.97 24.74 -16.99
N LEU A 179 -17.23 23.95 -16.21
CA LEU A 179 -16.65 22.68 -16.63
C LEU A 179 -16.96 21.68 -15.52
N THR A 180 -17.62 20.58 -15.90
CA THR A 180 -17.95 19.50 -14.98
C THR A 180 -17.57 18.17 -15.61
N ILE A 181 -17.57 17.13 -14.78
CA ILE A 181 -17.59 15.77 -15.30
C ILE A 181 -18.59 14.92 -14.50
N ALA A 182 -19.01 13.84 -15.15
CA ALA A 182 -19.72 12.76 -14.50
C ALA A 182 -18.70 11.77 -13.99
N GLY A 183 -18.72 11.51 -12.67
CA GLY A 183 -17.74 10.64 -12.05
C GLY A 183 -18.36 9.34 -11.63
N ALA A 184 -17.55 8.29 -11.46
CA ALA A 184 -18.06 7.02 -10.99
C ALA A 184 -18.62 7.17 -9.58
N GLY A 185 -19.75 6.50 -9.32
CA GLY A 185 -20.32 6.43 -7.99
C GLY A 185 -20.16 5.10 -7.28
N GLY A 186 -19.35 4.19 -7.80
CA GLY A 186 -19.06 2.95 -7.11
C GLY A 186 -17.58 2.65 -7.26
N ALA A 187 -17.05 1.91 -6.28
CA ALA A 187 -15.60 1.82 -6.09
C ALA A 187 -14.89 1.11 -7.25
N PHE A 188 -15.58 0.21 -7.95
CA PHE A 188 -14.85 -0.56 -8.96
C PHE A 188 -14.38 0.33 -10.09
N PHE A 189 -15.28 1.12 -10.67
CA PHE A 189 -14.81 2.06 -11.69
C PHE A 189 -14.00 3.19 -11.09
N LEU A 190 -14.37 3.65 -9.90
CA LEU A 190 -13.68 4.78 -9.30
C LEU A 190 -12.22 4.46 -9.11
N SER A 191 -11.89 3.18 -8.86
CA SER A 191 -10.50 2.83 -8.59
C SER A 191 -9.60 3.02 -9.80
N ARG A 192 -10.19 3.23 -10.99
CA ARG A 192 -9.39 3.57 -12.17
C ARG A 192 -8.62 4.88 -12.00
N TYR A 193 -9.22 5.86 -11.35
CA TYR A 193 -8.59 7.19 -11.31
C TYR A 193 -8.60 7.82 -9.93
N TYR A 194 -9.07 7.10 -8.94
CA TYR A 194 -9.21 7.60 -7.58
C TYR A 194 -7.95 8.28 -7.09
N SER A 195 -6.78 7.67 -7.34
CA SER A 195 -5.57 8.22 -6.76
C SER A 195 -5.32 9.65 -7.19
N LYS A 196 -5.86 10.06 -8.34
CA LYS A 196 -5.65 11.39 -8.91
C LYS A 196 -6.90 12.28 -8.81
N LEU A 197 -7.79 11.97 -7.87
CA LEU A 197 -9.01 12.76 -7.74
C LEU A 197 -8.72 14.25 -7.56
N ALA A 198 -7.72 14.61 -6.72
CA ALA A 198 -7.46 16.02 -6.47
C ALA A 198 -7.17 16.74 -7.77
N GLN A 199 -6.29 16.16 -8.60
CA GLN A 199 -5.92 16.87 -9.81
C GLN A 199 -7.06 16.84 -10.81
N ILE A 200 -7.92 15.84 -10.73
CA ILE A 200 -9.06 15.78 -11.63
C ILE A 200 -10.08 16.88 -11.28
N VAL A 201 -10.31 17.09 -9.98
CA VAL A 201 -11.39 17.99 -9.53
C VAL A 201 -10.93 19.44 -9.50
N ALA A 202 -9.62 19.68 -9.45
CA ALA A 202 -9.13 21.06 -9.45
C ALA A 202 -9.69 21.92 -10.57
N PRO A 203 -9.68 21.52 -11.85
CA PRO A 203 -10.23 22.41 -12.90
C PRO A 203 -11.75 22.45 -12.96
N LEU A 204 -12.45 21.70 -12.13
CA LEU A 204 -13.89 21.55 -12.28
C LEU A 204 -14.67 22.47 -11.36
N ASP A 205 -15.88 22.84 -11.82
CA ASP A 205 -16.87 23.46 -10.93
C ASP A 205 -17.53 22.38 -10.08
N TYR A 206 -17.82 21.22 -10.67
CA TYR A 206 -18.44 20.12 -9.96
C TYR A 206 -17.95 18.81 -10.53
N ILE A 207 -17.90 17.78 -9.68
CA ILE A 207 -17.87 16.40 -10.13
C ILE A 207 -19.21 15.76 -9.74
N ASN A 208 -19.98 15.35 -10.74
CA ASN A 208 -21.32 14.81 -10.57
C ASN A 208 -21.25 13.29 -10.43
N LEU A 209 -21.44 12.78 -9.22
CA LEU A 209 -21.21 11.36 -8.95
C LEU A 209 -22.42 10.56 -9.44
N MET A 210 -22.16 9.53 -10.24
CA MET A 210 -23.22 8.65 -10.70
C MET A 210 -23.53 7.62 -9.62
N THR A 211 -24.14 8.10 -8.54
CA THR A 211 -24.46 7.26 -7.37
C THR A 211 -25.83 6.62 -7.54
N TYR A 212 -25.85 5.77 -8.57
CA TYR A 212 -26.97 4.94 -8.97
C TYR A 212 -26.39 3.81 -9.81
N ASP A 213 -27.25 2.92 -10.28
CA ASP A 213 -26.77 1.69 -10.94
C ASP A 213 -25.84 0.92 -10.04
N LEU A 214 -25.99 1.08 -8.71
CA LEU A 214 -25.17 0.30 -7.78
C LEU A 214 -25.69 -1.12 -7.61
N ALA A 215 -26.79 -1.43 -8.28
CA ALA A 215 -27.31 -2.78 -8.42
C ALA A 215 -27.92 -2.88 -9.81
N GLY A 216 -28.05 -4.10 -10.28
CA GLY A 216 -28.55 -4.33 -11.61
C GLY A 216 -28.54 -5.82 -11.93
N PRO A 217 -29.09 -6.16 -13.09
CA PRO A 217 -29.26 -7.58 -13.44
C PRO A 217 -27.95 -8.30 -13.70
N TRP A 218 -26.85 -7.55 -13.81
CA TRP A 218 -25.52 -8.14 -13.94
C TRP A 218 -24.97 -8.62 -12.60
N GLU A 219 -25.64 -8.37 -11.49
CA GLU A 219 -25.25 -8.91 -10.20
C GLU A 219 -26.19 -10.08 -9.86
N LYS A 220 -25.66 -11.06 -9.13
CA LYS A 220 -26.48 -12.25 -8.91
C LYS A 220 -27.52 -12.05 -7.86
N VAL A 221 -27.41 -11.03 -7.00
CA VAL A 221 -28.32 -10.79 -5.89
C VAL A 221 -29.03 -9.45 -6.12
N THR A 222 -30.36 -9.46 -6.02
CA THR A 222 -31.09 -8.21 -6.17
C THR A 222 -30.74 -7.26 -5.03
N ASN A 223 -30.78 -5.96 -5.28
CA ASN A 223 -30.34 -5.00 -4.29
C ASN A 223 -30.86 -3.65 -4.73
N HIS A 224 -30.78 -2.69 -3.80
CA HIS A 224 -31.11 -1.30 -4.08
C HIS A 224 -30.01 -0.69 -4.93
N GLN A 225 -30.41 0.02 -5.99
CA GLN A 225 -29.43 0.59 -6.90
C GLN A 225 -28.85 1.91 -6.40
N ALA A 226 -29.46 2.54 -5.40
CA ALA A 226 -28.97 3.80 -4.89
C ALA A 226 -29.27 3.92 -3.39
N ALA A 227 -28.96 2.89 -2.63
CA ALA A 227 -29.08 2.97 -1.19
C ALA A 227 -28.26 4.11 -0.66
N LEU A 228 -28.87 4.93 0.22
CA LEU A 228 -28.12 5.97 0.89
C LEU A 228 -27.13 5.37 1.90
N PHE A 229 -27.61 4.53 2.80
CA PHE A 229 -26.80 3.84 3.80
C PHE A 229 -26.96 2.35 3.60
N GLY A 230 -26.11 1.61 4.29
CA GLY A 230 -26.07 0.16 4.13
C GLY A 230 -27.03 -0.59 5.04
N ASP A 231 -27.42 -1.76 4.53
CA ASP A 231 -28.27 -2.74 5.21
C ASP A 231 -27.45 -4.02 5.36
N ALA A 232 -27.18 -4.41 6.61
CA ALA A 232 -26.35 -5.59 6.88
C ALA A 232 -26.93 -6.84 6.26
N ALA A 233 -28.24 -6.85 6.01
CA ALA A 233 -28.86 -8.02 5.40
C ALA A 233 -28.59 -8.08 3.91
N GLY A 234 -28.10 -7.00 3.30
CA GLY A 234 -27.88 -6.95 1.87
C GLY A 234 -26.49 -7.44 1.52
N PRO A 235 -26.24 -7.59 0.22
CA PRO A 235 -24.91 -8.03 -0.22
C PRO A 235 -23.85 -6.98 0.11
N THR A 236 -22.60 -7.44 0.17
CA THR A 236 -21.45 -6.59 0.35
C THR A 236 -20.44 -6.93 -0.75
N PHE A 237 -19.46 -6.05 -0.92
CA PHE A 237 -18.63 -6.02 -2.11
C PHE A 237 -17.17 -5.84 -1.72
N TYR A 238 -16.30 -6.40 -2.56
CA TYR A 238 -14.88 -6.08 -2.52
C TYR A 238 -14.64 -4.59 -2.61
N ASN A 239 -13.83 -4.04 -1.70
CA ASN A 239 -13.49 -2.62 -1.78
C ASN A 239 -12.30 -2.41 -2.72
N ALA A 240 -12.62 -2.09 -3.99
CA ALA A 240 -11.64 -1.97 -5.05
C ALA A 240 -10.66 -0.85 -4.79
N LEU A 241 -11.04 0.14 -4.01
CA LEU A 241 -10.12 1.24 -3.78
C LEU A 241 -8.86 0.82 -3.05
N ARG A 242 -8.89 -0.30 -2.29
CA ARG A 242 -7.65 -0.69 -1.63
C ARG A 242 -6.59 -1.14 -2.64
N GLU A 243 -6.96 -1.33 -3.90
CA GLU A 243 -6.05 -1.67 -4.97
C GLU A 243 -5.73 -0.48 -5.87
N ALA A 244 -6.23 0.70 -5.55
CA ALA A 244 -5.94 1.87 -6.35
C ALA A 244 -4.47 2.23 -6.24
N ASN A 245 -3.97 3.02 -7.19
CA ASN A 245 -2.53 3.29 -7.28
C ASN A 245 -2.13 4.49 -6.41
N LEU A 246 -2.35 4.29 -5.10
CA LEU A 246 -2.21 5.37 -4.13
C LEU A 246 -0.81 5.48 -3.53
N GLY A 247 -0.11 4.36 -3.43
CA GLY A 247 1.18 4.37 -2.78
C GLY A 247 1.11 4.42 -1.29
N TRP A 248 -0.04 4.10 -0.69
CA TRP A 248 -0.18 4.21 0.76
C TRP A 248 0.32 2.91 1.44
N SER A 249 0.38 2.92 2.77
CA SER A 249 0.84 1.78 3.54
C SER A 249 -0.31 0.81 3.78
N TRP A 250 0.03 -0.40 4.25
CA TRP A 250 -1.03 -1.35 4.56
C TRP A 250 -2.00 -0.81 5.59
N GLU A 251 -1.50 -0.20 6.66
CA GLU A 251 -2.39 0.38 7.67
C GLU A 251 -3.27 1.48 7.09
N GLU A 252 -2.69 2.37 6.27
CA GLU A 252 -3.47 3.46 5.67
C GLU A 252 -4.57 2.89 4.77
N LEU A 253 -4.20 1.92 3.93
CA LEU A 253 -5.19 1.35 3.02
C LEU A 253 -6.30 0.68 3.80
N THR A 254 -5.94 -0.07 4.85
CA THR A 254 -6.94 -0.82 5.60
C THR A 254 -7.91 0.12 6.32
N ARG A 255 -7.42 1.21 6.91
CA ARG A 255 -8.34 2.05 7.64
C ARG A 255 -9.21 2.89 6.70
N ALA A 256 -8.73 3.17 5.50
CA ALA A 256 -9.52 3.92 4.53
C ALA A 256 -10.52 3.05 3.78
N PHE A 257 -10.25 1.76 3.62
CA PHE A 257 -11.01 0.92 2.69
C PHE A 257 -11.40 -0.42 3.32
N PRO A 258 -12.29 -0.39 4.30
CA PRO A 258 -12.83 -1.65 4.82
C PRO A 258 -13.40 -2.50 3.69
N SER A 259 -13.20 -3.82 3.80
CA SER A 259 -13.64 -4.74 2.74
C SER A 259 -14.01 -6.06 3.40
N PRO A 260 -15.14 -6.68 3.01
CA PRO A 260 -16.11 -6.13 2.03
C PRO A 260 -16.89 -4.92 2.62
N PHE A 261 -17.66 -4.18 1.81
CA PHE A 261 -18.34 -2.98 2.29
C PHE A 261 -19.70 -2.88 1.58
N SER A 262 -20.54 -1.98 2.09
CA SER A 262 -21.85 -1.73 1.51
C SER A 262 -21.73 -0.65 0.44
N LEU A 263 -22.12 -1.00 -0.78
CA LEU A 263 -22.02 -0.15 -1.96
C LEU A 263 -23.22 0.79 -1.93
N THR A 264 -22.99 1.97 -1.40
CA THR A 264 -24.08 2.93 -1.13
C THR A 264 -23.70 4.31 -1.61
N VAL A 265 -24.66 5.24 -1.58
CA VAL A 265 -24.36 6.63 -1.95
C VAL A 265 -23.41 7.25 -0.95
N ASP A 266 -23.65 7.00 0.35
CA ASP A 266 -22.78 7.50 1.40
C ASP A 266 -21.36 7.00 1.22
N ALA A 267 -21.20 5.76 0.78
CA ALA A 267 -19.85 5.27 0.59
C ALA A 267 -19.12 6.10 -0.45
N ALA A 268 -19.75 6.31 -1.62
CA ALA A 268 -19.06 7.04 -2.69
C ALA A 268 -18.71 8.45 -2.23
N VAL A 269 -19.64 9.12 -1.57
CA VAL A 269 -19.36 10.48 -1.11
C VAL A 269 -18.20 10.47 -0.12
N GLN A 270 -18.27 9.59 0.88
CA GLN A 270 -17.21 9.61 1.89
C GLN A 270 -15.86 9.22 1.27
N GLN A 271 -15.85 8.30 0.30
CA GLN A 271 -14.60 7.92 -0.36
C GLN A 271 -13.99 9.12 -1.11
N HIS A 272 -14.83 9.98 -1.67
CA HIS A 272 -14.27 11.18 -2.29
C HIS A 272 -13.74 12.14 -1.23
N LEU A 273 -14.46 12.31 -0.12
CA LEU A 273 -13.99 13.26 0.90
C LEU A 273 -12.75 12.79 1.65
N MET A 274 -12.43 11.50 1.56
CA MET A 274 -11.22 10.96 2.18
C MET A 274 -9.93 11.43 1.52
N MET A 275 -10.00 11.92 0.28
CA MET A 275 -8.82 12.39 -0.45
C MET A 275 -8.57 13.86 -0.18
N GLU A 276 -7.32 14.20 0.13
CA GLU A 276 -7.00 15.61 0.29
C GLU A 276 -7.19 16.33 -1.01
N GLY A 277 -7.60 17.61 -0.93
CA GLY A 277 -7.78 18.41 -2.12
C GLY A 277 -9.07 18.19 -2.84
N VAL A 278 -9.99 17.43 -2.25
CA VAL A 278 -11.32 17.27 -2.84
C VAL A 278 -12.34 18.02 -1.98
N PRO A 279 -12.78 19.21 -2.37
CA PRO A 279 -13.71 19.97 -1.53
C PRO A 279 -15.14 19.43 -1.60
N SER A 280 -15.79 19.34 -0.43
CA SER A 280 -17.19 18.88 -0.38
C SER A 280 -18.06 19.69 -1.33
N ALA A 281 -17.81 20.99 -1.44
CA ALA A 281 -18.66 21.87 -2.24
C ALA A 281 -18.63 21.53 -3.72
N LYS A 282 -17.63 20.81 -4.21
CA LYS A 282 -17.62 20.44 -5.61
C LYS A 282 -18.31 19.11 -5.86
N ILE A 283 -18.62 18.36 -4.81
CA ILE A 283 -19.19 17.03 -4.97
C ILE A 283 -20.70 17.17 -5.14
N VAL A 284 -21.25 16.60 -6.21
CA VAL A 284 -22.70 16.62 -6.48
C VAL A 284 -23.18 15.18 -6.45
N MET A 285 -24.24 14.93 -5.69
CA MET A 285 -24.79 13.58 -5.61
C MET A 285 -25.76 13.31 -6.76
N GLY A 286 -25.51 12.24 -7.52
CA GLY A 286 -26.45 11.84 -8.54
C GLY A 286 -27.59 11.03 -7.95
N VAL A 287 -28.79 11.23 -8.49
CA VAL A 287 -29.92 10.39 -8.13
C VAL A 287 -30.61 9.89 -9.39
N PRO A 288 -31.23 8.70 -9.37
CA PRO A 288 -31.93 8.21 -10.56
C PRO A 288 -33.40 8.61 -10.54
N PHE A 289 -33.92 9.02 -11.72
CA PHE A 289 -35.36 9.15 -11.93
C PHE A 289 -35.98 7.90 -12.57
N TYR A 290 -35.35 6.74 -12.42
CA TYR A 290 -35.81 5.50 -13.03
C TYR A 290 -35.53 4.40 -12.01
N GLY A 291 -36.25 3.29 -12.15
CA GLY A 291 -35.93 2.11 -11.37
C GLY A 291 -35.42 0.97 -12.26
N ARG A 292 -34.84 -0.02 -11.61
CA ARG A 292 -34.33 -1.22 -12.24
C ARG A 292 -35.14 -2.40 -11.76
N ALA A 293 -35.57 -3.25 -12.70
CA ALA A 293 -36.50 -4.33 -12.43
C ALA A 293 -35.84 -5.69 -12.67
N PHE A 294 -36.24 -6.64 -11.85
CA PHE A 294 -35.71 -7.99 -11.80
C PHE A 294 -36.87 -8.97 -11.77
N LYS A 295 -36.70 -10.12 -12.41
CA LYS A 295 -37.69 -11.22 -12.39
C LYS A 295 -37.09 -12.46 -11.74
N GLY A 296 -37.96 -13.42 -11.43
CA GLY A 296 -37.52 -14.65 -10.83
C GLY A 296 -37.06 -14.55 -9.40
N VAL A 297 -37.58 -13.59 -8.66
CA VAL A 297 -37.12 -13.39 -7.29
C VAL A 297 -38.00 -14.19 -6.35
N SER A 298 -37.45 -14.51 -5.18
CA SER A 298 -38.09 -15.29 -4.14
C SER A 298 -38.62 -14.39 -3.03
N GLY A 299 -39.42 -14.99 -2.13
CA GLY A 299 -39.98 -14.27 -1.02
C GLY A 299 -39.12 -14.31 0.24
N GLY A 300 -39.61 -13.60 1.26
CA GLY A 300 -38.97 -13.54 2.56
C GLY A 300 -38.32 -12.20 2.85
N ASN A 301 -38.09 -11.40 1.80
CA ASN A 301 -37.50 -10.07 1.94
C ASN A 301 -38.18 -9.07 1.03
N GLY A 302 -39.41 -9.33 0.58
CA GLY A 302 -40.06 -8.46 -0.39
C GLY A 302 -39.29 -8.37 -1.69
N GLY A 303 -38.49 -9.38 -2.00
CA GLY A 303 -37.77 -9.41 -3.24
C GLY A 303 -36.34 -8.94 -3.13
N GLN A 304 -35.99 -8.33 -2.00
CA GLN A 304 -34.64 -7.88 -1.77
C GLN A 304 -33.66 -9.04 -1.56
N TYR A 305 -32.44 -8.87 -2.05
CA TYR A 305 -31.34 -9.76 -1.69
C TYR A 305 -31.65 -11.21 -2.11
N SER A 306 -32.32 -11.36 -3.23
CA SER A 306 -32.72 -12.65 -3.75
C SER A 306 -31.96 -13.00 -5.02
N SER A 307 -31.80 -14.29 -5.30
CA SER A 307 -31.38 -14.66 -6.63
C SER A 307 -32.48 -14.29 -7.62
N HIS A 308 -32.13 -14.28 -8.90
CA HIS A 308 -33.10 -13.89 -9.90
C HIS A 308 -32.69 -14.51 -11.23
N SER A 309 -33.51 -14.28 -12.24
CA SER A 309 -33.32 -14.83 -13.59
C SER A 309 -33.34 -13.74 -14.64
N THR A 310 -32.82 -12.57 -14.30
CA THR A 310 -32.89 -11.46 -15.22
C THR A 310 -31.66 -11.43 -16.11
N PRO A 311 -31.80 -11.38 -17.44
CA PRO A 311 -30.62 -11.26 -18.29
C PRO A 311 -29.89 -9.96 -18.01
N GLY A 312 -28.56 -10.02 -18.07
CA GLY A 312 -27.70 -8.89 -17.76
C GLY A 312 -27.22 -8.10 -18.96
N GLU A 313 -27.30 -8.70 -20.14
CA GLU A 313 -26.62 -8.15 -21.30
C GLU A 313 -27.39 -7.00 -21.92
N ASP A 314 -26.68 -6.20 -22.73
CA ASP A 314 -27.25 -5.14 -23.52
C ASP A 314 -26.92 -5.37 -25.00
N PRO A 315 -27.89 -5.21 -25.91
CA PRO A 315 -29.28 -4.87 -25.62
C PRO A 315 -30.02 -6.05 -24.97
N TYR A 316 -31.19 -5.78 -24.40
CA TYR A 316 -32.02 -6.81 -23.81
C TYR A 316 -32.11 -7.98 -24.79
N PRO A 317 -31.62 -9.14 -24.45
CA PRO A 317 -31.50 -10.21 -25.44
C PRO A 317 -32.74 -11.08 -25.52
N SER A 318 -33.91 -10.47 -25.54
CA SER A 318 -35.16 -11.22 -25.51
C SER A 318 -36.29 -10.34 -26.01
N THR A 319 -37.43 -10.98 -26.31
CA THR A 319 -38.66 -10.26 -26.64
C THR A 319 -39.73 -10.42 -25.57
N ASP A 320 -39.40 -11.07 -24.45
CA ASP A 320 -40.32 -11.23 -23.32
C ASP A 320 -40.30 -9.97 -22.47
N TYR A 321 -41.39 -9.19 -22.52
CA TYR A 321 -41.54 -7.96 -21.73
C TYR A 321 -42.45 -8.27 -20.53
N TRP A 322 -41.82 -8.73 -19.45
CA TRP A 322 -42.46 -9.31 -18.30
C TRP A 322 -42.74 -8.33 -17.15
N LEU A 323 -42.46 -7.03 -17.34
CA LEU A 323 -42.71 -6.07 -16.28
C LEU A 323 -44.15 -5.62 -16.41
N VAL A 324 -45.04 -6.27 -15.64
CA VAL A 324 -46.46 -6.08 -15.85
C VAL A 324 -46.84 -4.62 -15.69
N GLY A 325 -47.59 -4.10 -16.64
CA GLY A 325 -48.11 -2.73 -16.61
C GLY A 325 -47.18 -1.67 -17.17
N CYS A 326 -46.01 -2.06 -17.66
CA CYS A 326 -44.98 -1.11 -18.10
C CYS A 326 -45.10 -0.98 -19.60
N GLU A 327 -45.92 -0.04 -20.06
CA GLU A 327 -46.03 0.19 -21.51
C GLU A 327 -44.77 0.81 -22.10
N GLU A 328 -44.07 1.64 -21.32
CA GLU A 328 -42.83 2.23 -21.82
C GLU A 328 -41.80 1.15 -22.09
N CYS A 329 -41.82 0.06 -21.29
CA CYS A 329 -40.89 -1.04 -21.48
C CYS A 329 -41.09 -1.73 -22.83
N VAL A 330 -42.34 -1.80 -23.30
CA VAL A 330 -42.61 -2.40 -24.60
C VAL A 330 -42.15 -1.46 -25.70
N ARG A 331 -42.46 -0.17 -25.55
CA ARG A 331 -41.97 0.83 -26.52
C ARG A 331 -40.44 0.79 -26.64
N ASP A 332 -39.73 0.67 -25.52
CA ASP A 332 -38.28 0.71 -25.50
C ASP A 332 -37.65 -0.69 -25.51
N LYS A 333 -38.45 -1.76 -25.50
CA LYS A 333 -37.97 -3.13 -25.67
C LYS A 333 -36.95 -3.54 -24.60
N ASP A 334 -37.27 -3.20 -23.35
CA ASP A 334 -36.44 -3.58 -22.22
C ASP A 334 -37.30 -3.50 -20.95
N PRO A 335 -37.68 -4.62 -20.36
CA PRO A 335 -38.47 -4.59 -19.11
C PRO A 335 -37.64 -4.38 -17.85
N ARG A 336 -36.33 -4.14 -17.97
CA ARG A 336 -35.46 -4.08 -16.82
C ARG A 336 -35.25 -2.66 -16.30
N ILE A 337 -35.80 -1.68 -17.00
CA ILE A 337 -35.70 -0.28 -16.61
C ILE A 337 -37.07 0.32 -16.77
N ALA A 338 -37.46 1.17 -15.80
CA ALA A 338 -38.71 1.91 -15.94
C ALA A 338 -38.59 3.30 -15.32
N SER A 339 -39.09 4.31 -16.03
CA SER A 339 -39.11 5.67 -15.49
C SER A 339 -39.96 5.75 -14.23
N TYR A 340 -39.62 6.73 -13.37
CA TYR A 340 -40.49 7.02 -12.25
C TYR A 340 -41.93 7.30 -12.73
N ARG A 341 -42.08 8.03 -13.82
CA ARG A 341 -43.40 8.27 -14.40
C ARG A 341 -44.19 6.97 -14.58
N GLN A 342 -43.55 6.01 -15.25
CA GLN A 342 -44.21 4.73 -15.52
C GLN A 342 -44.44 3.95 -14.23
N LEU A 343 -43.50 4.00 -13.29
CA LEU A 343 -43.66 3.23 -12.06
C LEU A 343 -44.84 3.74 -11.24
N GLU A 344 -45.02 5.07 -11.24
CA GLU A 344 -46.16 5.68 -10.57
C GLU A 344 -47.44 5.17 -11.19
N GLN A 345 -47.49 5.14 -12.53
CA GLN A 345 -48.70 4.65 -13.16
C GLN A 345 -48.91 3.17 -12.89
N MET A 346 -47.85 2.38 -12.85
CA MET A 346 -48.02 0.98 -12.49
C MET A 346 -48.58 0.83 -11.09
N LEU A 347 -48.18 1.71 -10.17
CA LEU A 347 -48.66 1.62 -8.79
C LEU A 347 -50.14 1.98 -8.71
N GLN A 348 -50.57 2.98 -9.44
CA GLN A 348 -51.97 3.33 -9.35
C GLN A 348 -52.87 2.48 -10.24
N GLY A 349 -52.32 1.53 -10.98
CA GLY A 349 -53.10 0.72 -11.89
C GLY A 349 -53.57 -0.63 -11.40
N ASN A 350 -53.33 -1.00 -10.15
CA ASN A 350 -53.78 -2.30 -9.65
C ASN A 350 -53.24 -3.46 -10.52
N TYR A 351 -51.92 -3.49 -10.65
CA TYR A 351 -51.27 -4.55 -11.39
C TYR A 351 -50.63 -5.58 -10.48
N GLY A 352 -50.80 -5.43 -9.16
CA GLY A 352 -50.28 -6.37 -8.20
C GLY A 352 -48.98 -5.99 -7.51
N TYR A 353 -48.53 -4.76 -7.66
CA TYR A 353 -47.30 -4.32 -7.00
C TYR A 353 -47.60 -3.80 -5.61
N GLN A 354 -46.70 -4.08 -4.68
CA GLN A 354 -46.69 -3.44 -3.38
C GLN A 354 -45.50 -2.51 -3.33
N ARG A 355 -45.72 -1.30 -2.84
CA ARG A 355 -44.61 -0.40 -2.51
C ARG A 355 -44.17 -0.66 -1.09
N LEU A 356 -42.90 -0.99 -0.91
CA LEU A 356 -42.31 -1.25 0.38
C LEU A 356 -41.19 -0.23 0.61
N TRP A 357 -40.71 -0.16 1.85
CA TRP A 357 -39.72 0.82 2.26
C TRP A 357 -38.66 0.12 3.08
N ASN A 358 -37.39 0.33 2.73
CA ASN A 358 -36.29 -0.12 3.53
C ASN A 358 -35.77 1.09 4.32
N ASP A 359 -35.90 1.01 5.64
CA ASP A 359 -35.61 2.17 6.49
C ASP A 359 -34.14 2.26 6.86
N LYS A 360 -33.34 1.25 6.50
CA LYS A 360 -31.89 1.35 6.64
C LYS A 360 -31.28 2.05 5.43
N THR A 361 -31.64 1.60 4.21
CA THR A 361 -31.15 2.26 2.99
C THR A 361 -31.89 3.56 2.72
N LYS A 362 -33.07 3.71 3.31
CA LYS A 362 -33.92 4.89 3.10
C LYS A 362 -34.35 4.94 1.66
N THR A 363 -34.72 3.77 1.13
CA THR A 363 -35.19 3.76 -0.25
C THR A 363 -36.41 2.88 -0.41
N PRO A 364 -37.28 3.22 -1.37
CA PRO A 364 -38.46 2.40 -1.63
C PRO A 364 -38.12 1.28 -2.61
N TYR A 365 -39.04 0.31 -2.68
CA TYR A 365 -38.91 -0.74 -3.67
C TYR A 365 -40.29 -1.32 -3.93
N LEU A 366 -40.47 -1.90 -5.11
CA LEU A 366 -41.72 -2.58 -5.45
C LEU A 366 -41.48 -4.08 -5.40
N TYR A 367 -42.47 -4.82 -4.89
CA TYR A 367 -42.47 -6.28 -4.92
C TYR A 367 -43.76 -6.78 -5.57
N HIS A 368 -43.62 -7.69 -6.52
CA HIS A 368 -44.77 -8.31 -7.19
C HIS A 368 -44.72 -9.77 -6.78
N ALA A 369 -45.58 -10.12 -5.81
CA ALA A 369 -45.51 -11.47 -5.25
C ALA A 369 -46.05 -12.52 -6.21
N GLN A 370 -47.10 -12.18 -6.96
CA GLN A 370 -47.63 -13.14 -7.92
C GLN A 370 -46.57 -13.57 -8.92
N ASN A 371 -45.86 -12.63 -9.53
CA ASN A 371 -44.98 -12.95 -10.64
C ASN A 371 -43.52 -12.99 -10.23
N GLY A 372 -43.20 -12.74 -8.96
CA GLY A 372 -41.81 -12.76 -8.53
C GLY A 372 -40.98 -11.62 -9.11
N LEU A 373 -41.45 -10.38 -8.98
CA LEU A 373 -40.69 -9.24 -9.51
C LEU A 373 -40.26 -8.31 -8.39
N PHE A 374 -39.11 -7.64 -8.60
CA PHE A 374 -38.54 -6.65 -7.69
C PHE A 374 -38.06 -5.44 -8.46
N VAL A 375 -38.39 -4.26 -7.97
CA VAL A 375 -37.99 -3.00 -8.62
C VAL A 375 -37.36 -2.09 -7.59
N THR A 376 -36.13 -1.66 -7.83
CA THR A 376 -35.44 -0.70 -6.98
C THR A 376 -35.55 0.65 -7.66
N TYR A 377 -35.95 1.69 -6.91
CA TYR A 377 -36.15 3.02 -7.49
C TYR A 377 -36.04 4.06 -6.38
N ASP A 378 -36.11 5.33 -6.76
CA ASP A 378 -36.12 6.45 -5.82
C ASP A 378 -37.41 7.23 -5.96
N ASP A 379 -37.80 7.96 -4.90
CA ASP A 379 -38.96 8.81 -4.99
C ASP A 379 -38.78 10.03 -4.08
N ALA A 380 -39.84 10.84 -3.95
CA ALA A 380 -39.74 12.09 -3.20
C ALA A 380 -39.39 11.82 -1.74
N GLU A 381 -39.73 10.62 -1.25
CA GLU A 381 -39.40 10.29 0.13
C GLU A 381 -37.91 9.99 0.28
N SER A 382 -37.36 9.09 -0.55
CA SER A 382 -35.93 8.85 -0.47
C SER A 382 -35.13 10.14 -0.68
N PHE A 383 -35.65 11.02 -1.54
CA PHE A 383 -34.97 12.30 -1.79
C PHE A 383 -34.98 13.18 -0.56
N LYS A 384 -35.90 13.00 0.39
CA LYS A 384 -35.79 13.78 1.62
C LYS A 384 -34.48 13.50 2.37
N TYR A 385 -34.14 12.22 2.51
CA TYR A 385 -32.93 11.84 3.23
C TYR A 385 -31.69 12.22 2.45
N LYS A 386 -31.72 12.01 1.12
CA LYS A 386 -30.56 12.39 0.31
C LYS A 386 -30.32 13.90 0.38
N ALA A 387 -31.39 14.71 0.33
CA ALA A 387 -31.20 16.15 0.40
C ALA A 387 -30.68 16.56 1.76
N LYS A 388 -31.14 15.90 2.82
CA LYS A 388 -30.60 16.24 4.13
C LYS A 388 -29.11 15.89 4.19
N TYR A 389 -28.74 14.77 3.60
CA TYR A 389 -27.34 14.38 3.56
C TYR A 389 -26.50 15.40 2.81
N ILE A 390 -27.00 15.87 1.68
CA ILE A 390 -26.29 16.88 0.89
C ILE A 390 -26.05 18.14 1.72
N LYS A 391 -27.07 18.55 2.49
CA LYS A 391 -26.91 19.72 3.35
C LYS A 391 -25.93 19.46 4.49
N GLN A 392 -26.05 18.32 5.18
CA GLN A 392 -25.20 18.05 6.35
C GLN A 392 -23.74 17.86 5.96
N GLN A 393 -23.50 17.21 4.84
CA GLN A 393 -22.15 16.98 4.34
C GLN A 393 -21.61 18.15 3.52
N GLN A 394 -22.40 19.22 3.36
CA GLN A 394 -21.95 20.42 2.67
C GLN A 394 -21.51 20.13 1.22
N LEU A 395 -22.32 19.32 0.55
CA LEU A 395 -22.07 18.99 -0.84
C LEU A 395 -22.57 20.11 -1.76
N GLY A 396 -22.13 20.05 -3.00
CA GLY A 396 -22.49 21.10 -3.97
C GLY A 396 -23.93 21.06 -4.42
N GLY A 397 -24.61 19.92 -4.31
CA GLY A 397 -25.96 19.83 -4.83
C GLY A 397 -26.29 18.44 -5.36
N VAL A 398 -27.23 18.40 -6.30
CA VAL A 398 -27.77 17.14 -6.77
C VAL A 398 -27.78 17.14 -8.30
N MET A 399 -27.57 15.94 -8.88
CA MET A 399 -27.66 15.68 -10.31
C MET A 399 -28.64 14.54 -10.54
N PHE A 400 -29.33 14.54 -11.68
CA PHE A 400 -30.16 13.38 -11.97
C PHE A 400 -30.26 13.04 -13.44
N TRP A 401 -30.45 11.74 -13.68
CA TRP A 401 -30.73 11.14 -14.98
C TRP A 401 -32.11 10.48 -14.92
N HIS A 402 -33.04 10.89 -15.78
CA HIS A 402 -33.00 12.16 -16.51
C HIS A 402 -34.37 12.82 -16.50
N LEU A 403 -34.47 14.00 -17.12
CA LEU A 403 -35.66 14.83 -16.94
C LEU A 403 -36.91 14.20 -17.51
N GLY A 404 -36.76 13.44 -18.60
CA GLY A 404 -37.89 12.82 -19.27
C GLY A 404 -38.55 11.75 -18.46
N GLN A 405 -37.94 11.37 -17.35
CA GLN A 405 -38.41 10.25 -16.56
C GLN A 405 -39.22 10.69 -15.35
N ASP A 406 -39.23 11.99 -15.04
CA ASP A 406 -40.09 12.52 -14.01
C ASP A 406 -41.53 12.36 -14.46
N ASN A 407 -42.45 12.50 -13.51
CA ASN A 407 -43.85 12.41 -13.91
C ASN A 407 -44.29 13.72 -14.57
N ARG A 408 -45.54 13.77 -15.10
CA ARG A 408 -45.87 14.93 -15.89
C ARG A 408 -45.94 16.19 -15.03
N ASN A 409 -46.22 16.05 -13.74
CA ASN A 409 -46.26 17.19 -12.83
C ASN A 409 -44.86 17.66 -12.41
N GLY A 410 -43.82 16.92 -12.76
CA GLY A 410 -42.50 17.29 -12.28
C GLY A 410 -42.27 17.09 -10.80
N ASP A 411 -42.90 16.09 -10.23
CA ASP A 411 -42.89 15.98 -8.78
C ASP A 411 -41.50 15.70 -8.22
N LEU A 412 -40.67 14.90 -8.91
CA LEU A 412 -39.35 14.61 -8.33
C LEU A 412 -38.46 15.85 -8.30
N LEU A 413 -38.46 16.61 -9.41
CA LEU A 413 -37.69 17.84 -9.48
C LEU A 413 -38.22 18.85 -8.46
N ALA A 414 -39.55 18.98 -8.37
CA ALA A 414 -40.13 19.90 -7.40
C ALA A 414 -39.75 19.52 -5.98
N ALA A 415 -39.67 18.22 -5.70
CA ALA A 415 -39.27 17.78 -4.37
C ALA A 415 -37.84 18.20 -4.05
N LEU A 416 -36.91 17.93 -4.96
CA LEU A 416 -35.52 18.34 -4.73
C LEU A 416 -35.43 19.84 -4.47
N ASP A 417 -36.09 20.63 -5.31
CA ASP A 417 -36.04 22.08 -5.13
C ASP A 417 -36.61 22.47 -3.77
N ARG A 418 -37.72 21.84 -3.37
CA ARG A 418 -38.38 22.13 -2.10
C ARG A 418 -37.44 21.86 -0.93
N TYR A 419 -36.76 20.72 -0.97
CA TYR A 419 -35.94 20.33 0.16
C TYR A 419 -34.75 21.24 0.31
N PHE A 420 -34.24 21.81 -0.80
CA PHE A 420 -33.13 22.76 -0.65
C PHE A 420 -33.58 24.20 -0.36
N ASN A 421 -34.72 24.62 -0.89
CA ASN A 421 -35.00 26.04 -0.97
C ASN A 421 -36.31 26.48 -0.34
N ALA A 422 -37.23 25.59 -0.05
CA ALA A 422 -38.53 26.04 0.45
C ALA A 422 -38.41 26.57 1.87
N ALA A 423 -38.96 27.76 2.10
CA ALA A 423 -38.88 28.34 3.44
C ALA A 423 -39.76 27.62 4.45
N ASP A 424 -40.80 26.92 4.00
CA ASP A 424 -41.73 26.27 4.88
C ASP A 424 -41.48 24.77 4.95
N TYR A 425 -40.28 24.33 4.57
CA TYR A 425 -39.87 22.94 4.71
C TYR A 425 -38.79 22.85 5.75
N ASP A 426 -38.94 21.94 6.71
CA ASP A 426 -38.05 21.83 7.86
C ASP A 426 -37.71 20.36 8.07
N ASP A 427 -36.46 19.98 7.77
CA ASP A 427 -36.05 18.60 7.97
C ASP A 427 -35.18 18.44 9.23
N SER A 428 -35.27 19.39 10.17
CA SER A 428 -34.40 19.33 11.34
C SER A 428 -34.59 18.04 12.16
N GLN A 429 -35.78 17.46 12.14
CA GLN A 429 -36.03 16.24 12.88
C GLN A 429 -36.09 15.00 12.00
N LEU A 430 -35.83 15.12 10.69
CA LEU A 430 -35.82 13.94 9.84
C LEU A 430 -34.79 12.92 10.35
N ASP A 431 -35.24 11.69 10.56
CA ASP A 431 -34.47 10.63 11.18
C ASP A 431 -33.71 9.91 10.09
N MET A 432 -32.39 10.10 10.06
CA MET A 432 -31.54 9.49 9.04
C MET A 432 -31.27 8.01 9.33
N GLY A 433 -31.76 7.48 10.45
CA GLY A 433 -31.85 6.06 10.63
C GLY A 433 -30.53 5.46 11.10
N THR A 434 -30.53 4.13 11.18
CA THR A 434 -29.40 3.40 11.72
C THR A 434 -28.76 2.50 10.67
N GLY A 435 -28.95 2.80 9.38
CA GLY A 435 -28.24 2.06 8.35
C GLY A 435 -26.73 2.26 8.44
N LEU A 436 -26.01 1.35 7.81
CA LEU A 436 -24.55 1.39 7.95
C LEU A 436 -23.94 2.60 7.24
N ARG A 437 -23.17 3.38 7.99
CA ARG A 437 -22.36 4.45 7.44
C ARG A 437 -21.01 3.90 6.97
N TYR A 438 -20.41 4.57 6.00
CA TYR A 438 -19.05 4.23 5.58
C TYR A 438 -18.06 4.81 6.59
N THR A 439 -17.19 3.96 7.16
CA THR A 439 -16.36 4.39 8.29
C THR A 439 -14.88 4.58 7.92
N GLY A 440 -14.53 4.48 6.65
CA GLY A 440 -13.12 4.65 6.27
C GLY A 440 -12.61 6.01 6.70
N VAL A 441 -11.32 6.06 7.01
CA VAL A 441 -10.64 7.32 7.28
C VAL A 441 -9.44 7.46 6.37
N GLY A 442 -9.26 8.65 5.80
CA GLY A 442 -8.14 8.92 4.93
C GLY A 442 -7.52 10.28 5.18
N PRO A 443 -6.53 10.66 4.37
CA PRO A 443 -5.80 11.92 4.64
C PRO A 443 -6.67 13.16 4.56
N GLY A 444 -7.78 13.10 3.83
CA GLY A 444 -8.63 14.26 3.65
C GLY A 444 -9.70 14.44 4.70
N ASN A 445 -9.95 13.41 5.52
CA ASN A 445 -10.98 13.52 6.54
C ASN A 445 -10.45 13.04 7.89
N LEU A 446 -9.19 13.34 8.20
CA LEU A 446 -8.64 13.00 9.49
C LEU A 446 -9.32 13.80 10.61
N PRO A 447 -9.55 13.20 11.77
CA PRO A 447 -10.14 13.96 12.89
C PRO A 447 -9.15 14.98 13.44
N ILE A 448 -9.70 16.07 13.96
CA ILE A 448 -8.86 17.06 14.62
C ILE A 448 -8.42 16.48 15.96
N MET A 449 -7.12 16.65 16.27
CA MET A 449 -6.60 16.09 17.49
C MET A 449 -5.55 17.03 18.06
N THR A 450 -5.13 16.74 19.30
CA THR A 450 -4.03 17.41 19.96
C THR A 450 -3.10 16.36 20.54
N ALA A 451 -1.83 16.73 20.67
CA ALA A 451 -0.82 15.84 21.24
C ALA A 451 0.44 16.65 21.46
N PRO A 452 1.29 16.20 22.39
CA PRO A 452 2.55 16.91 22.65
C PRO A 452 3.41 16.94 21.39
N ALA A 453 4.10 18.05 21.19
CA ALA A 453 4.96 18.18 20.03
C ALA A 453 6.05 17.09 20.05
N TYR A 454 6.38 16.61 18.85
CA TYR A 454 7.47 15.64 18.71
C TYR A 454 8.79 16.27 19.18
N VAL A 455 9.60 15.48 19.89
CA VAL A 455 10.89 15.99 20.32
C VAL A 455 12.05 15.16 19.77
N PRO A 456 12.83 15.68 18.83
CA PRO A 456 14.03 14.96 18.40
C PRO A 456 14.89 14.57 19.59
N GLY A 457 15.41 13.35 19.57
CA GLY A 457 16.19 12.81 20.66
C GLY A 457 15.42 11.84 21.52
N THR A 458 14.10 11.85 21.44
CA THR A 458 13.24 11.04 22.29
C THR A 458 13.00 9.67 21.66
N THR A 459 12.96 8.66 22.53
CA THR A 459 12.58 7.31 22.16
C THR A 459 11.12 7.11 22.56
N TYR A 460 10.27 6.74 21.61
CA TYR A 460 8.84 6.61 21.88
C TYR A 460 8.40 5.15 21.90
N ALA A 461 7.44 4.87 22.79
CA ALA A 461 6.86 3.55 22.88
C ALA A 461 5.74 3.37 21.85
N GLN A 462 5.28 2.14 21.74
CA GLN A 462 4.18 1.83 20.85
C GLN A 462 2.93 2.54 21.30
N GLY A 463 2.22 3.16 20.35
CA GLY A 463 0.99 3.86 20.65
C GLY A 463 1.16 5.31 21.07
N ALA A 464 2.39 5.79 21.19
CA ALA A 464 2.58 7.19 21.52
C ALA A 464 2.01 8.09 20.43
N LEU A 465 1.48 9.24 20.86
CA LEU A 465 1.02 10.26 19.94
C LEU A 465 1.86 11.51 20.07
N VAL A 466 2.21 12.10 18.93
CA VAL A 466 2.88 13.39 18.89
C VAL A 466 2.28 14.26 17.79
N SER A 467 2.52 15.56 17.87
CA SER A 467 2.19 16.45 16.78
C SER A 467 3.47 16.83 16.03
N TYR A 468 3.37 16.96 14.72
CA TYR A 468 4.54 17.25 13.91
C TYR A 468 4.04 17.68 12.54
N GLN A 469 4.58 18.81 12.05
CA GLN A 469 4.26 19.33 10.73
C GLN A 469 2.77 19.37 10.48
N GLY A 470 2.03 19.73 11.53
CA GLY A 470 0.60 19.97 11.40
C GLY A 470 -0.28 18.76 11.56
N TYR A 471 0.27 17.59 11.80
CA TYR A 471 -0.56 16.42 11.98
C TYR A 471 -0.25 15.78 13.32
N VAL A 472 -1.17 14.94 13.79
CA VAL A 472 -0.93 14.06 14.92
C VAL A 472 -0.64 12.67 14.39
N TRP A 473 0.43 12.08 14.89
CA TRP A 473 0.96 10.79 14.48
C TRP A 473 1.05 9.83 15.66
N GLN A 474 0.92 8.53 15.35
CA GLN A 474 0.96 7.46 16.32
C GLN A 474 1.96 6.39 15.88
N THR A 475 2.77 5.93 16.84
CA THR A 475 3.74 4.88 16.52
C THR A 475 3.03 3.55 16.39
N LYS A 476 3.46 2.74 15.42
CA LYS A 476 2.88 1.42 15.20
C LYS A 476 3.61 0.31 15.93
N TRP A 477 4.81 0.57 16.45
CA TRP A 477 5.55 -0.37 17.28
C TRP A 477 6.47 0.46 18.16
N GLY A 478 7.30 -0.24 18.95
CA GLY A 478 8.05 0.38 20.03
C GLY A 478 9.48 0.75 19.69
N TYR A 479 10.12 1.45 20.64
CA TYR A 479 11.50 1.93 20.52
C TYR A 479 11.71 2.73 19.24
N ILE A 480 10.95 3.80 19.11
CA ILE A 480 11.01 4.64 17.92
C ILE A 480 11.91 5.84 18.19
N THR A 481 12.98 5.94 17.41
CA THR A 481 13.98 6.98 17.52
C THR A 481 14.01 7.91 16.31
N SER A 482 13.10 7.70 15.37
CA SER A 482 13.02 8.42 14.11
C SER A 482 11.81 9.34 14.16
N ALA A 483 11.81 10.34 13.30
CA ALA A 483 10.75 11.33 13.36
C ALA A 483 9.59 10.99 12.44
N PRO A 484 8.40 11.51 12.73
CA PRO A 484 7.25 11.27 11.86
C PRO A 484 7.49 11.84 10.49
N GLY A 485 7.05 11.10 9.47
CA GLY A 485 7.39 11.40 8.10
C GLY A 485 8.69 10.77 7.60
N SER A 486 9.68 10.63 8.48
CA SER A 486 10.99 10.15 8.07
C SER A 486 11.18 8.69 8.38
N ASP A 487 10.15 8.04 8.90
CA ASP A 487 10.25 6.63 9.22
C ASP A 487 8.87 5.99 9.24
N SER A 488 8.79 4.77 8.69
CA SER A 488 7.56 4.03 8.55
C SER A 488 6.96 3.57 9.87
N ALA A 489 7.57 3.89 11.01
CA ALA A 489 6.96 3.53 12.29
C ALA A 489 5.78 4.44 12.64
N TRP A 490 5.63 5.58 12.00
CA TRP A 490 4.62 6.54 12.41
C TRP A 490 3.42 6.50 11.47
N LEU A 491 2.23 6.57 12.04
CA LEU A 491 1.00 6.66 11.28
C LEU A 491 0.34 7.99 11.54
N LYS A 492 -0.03 8.69 10.48
CA LYS A 492 -0.77 9.95 10.61
C LYS A 492 -2.20 9.61 10.99
N VAL A 493 -2.65 10.13 12.13
CA VAL A 493 -3.98 9.78 12.62
C VAL A 493 -4.86 10.99 12.86
N GLY A 494 -4.32 12.22 12.89
CA GLY A 494 -5.14 13.39 13.13
C GLY A 494 -4.52 14.61 12.50
N ARG A 495 -5.32 15.67 12.49
CA ARG A 495 -4.97 17.00 12.01
C ARG A 495 -4.86 17.90 13.24
N VAL A 496 -3.86 18.77 13.25
CA VAL A 496 -3.71 19.69 14.37
C VAL A 496 -4.77 20.78 14.25
N THR B 1 31.16 -23.54 -5.20
CA THR B 1 31.81 -22.37 -4.59
C THR B 1 31.82 -22.48 -3.06
N ARG B 2 33.01 -22.32 -2.47
CA ARG B 2 33.14 -22.42 -1.02
C ARG B 2 32.22 -21.41 -0.35
N LYS B 3 31.55 -21.84 0.72
CA LYS B 3 30.70 -20.93 1.47
C LYS B 3 31.55 -20.00 2.34
N ALA B 4 31.12 -18.75 2.47
CA ALA B 4 31.85 -17.86 3.37
C ALA B 4 31.64 -18.27 4.81
N VAL B 5 32.68 -18.07 5.63
CA VAL B 5 32.59 -18.20 7.07
C VAL B 5 33.24 -16.93 7.60
N ILE B 6 32.41 -15.96 8.02
CA ILE B 6 32.83 -14.59 8.33
C ILE B 6 32.72 -14.40 9.84
N GLY B 7 33.84 -14.27 10.53
CA GLY B 7 33.85 -14.13 11.98
C GLY B 7 34.30 -12.74 12.39
N TYR B 8 33.54 -12.15 13.31
CA TYR B 8 33.91 -10.86 13.82
C TYR B 8 34.95 -11.02 14.89
N TYR B 9 36.00 -10.20 14.81
CA TYR B 9 36.96 -10.07 15.89
C TYR B 9 36.73 -8.68 16.45
N PHE B 10 36.08 -8.59 17.60
CA PHE B 10 35.80 -7.32 18.26
C PHE B 10 36.82 -7.14 19.39
N ILE B 11 37.52 -6.02 19.39
CA ILE B 11 38.36 -5.69 20.56
C ILE B 11 38.19 -4.23 20.95
N PRO B 12 37.81 -3.94 22.19
CA PRO B 12 37.62 -2.54 22.60
C PRO B 12 38.95 -1.80 22.66
N THR B 13 38.83 -0.47 22.59
CA THR B 13 40.01 0.37 22.53
C THR B 13 40.93 0.12 23.71
N ASN B 14 40.37 -0.07 24.91
CA ASN B 14 41.21 -0.26 26.09
C ASN B 14 42.02 -1.55 25.95
N GLN B 15 41.42 -2.58 25.36
CA GLN B 15 42.15 -3.81 25.15
C GLN B 15 43.20 -3.69 24.06
N ILE B 16 42.94 -2.92 23.01
CA ILE B 16 43.97 -2.63 22.03
C ILE B 16 45.15 -1.94 22.69
N ASN B 17 44.88 -0.91 23.49
CA ASN B 17 45.92 -0.08 24.06
C ASN B 17 46.75 -0.82 25.09
N ASN B 18 46.17 -1.80 25.78
CA ASN B 18 46.86 -2.62 26.77
C ASN B 18 47.02 -4.05 26.27
N TYR B 19 47.10 -4.23 24.96
CA TYR B 19 47.01 -5.55 24.39
C TYR B 19 48.09 -6.44 24.99
N THR B 20 47.74 -7.70 25.23
CA THR B 20 48.69 -8.69 25.71
C THR B 20 48.10 -10.08 25.49
N GLU B 21 48.99 -11.04 25.23
CA GLU B 21 48.59 -12.42 25.02
C GLU B 21 48.87 -13.28 26.23
N THR B 22 49.11 -12.66 27.38
CA THR B 22 49.54 -13.37 28.58
C THR B 22 48.65 -13.10 29.78
N ASP B 23 47.49 -12.48 29.60
CA ASP B 23 46.67 -12.15 30.75
C ASP B 23 45.19 -12.00 30.36
N THR B 24 44.41 -13.05 30.63
CA THR B 24 43.02 -13.08 30.23
C THR B 24 42.21 -12.02 30.94
N SER B 25 42.66 -11.60 32.13
CA SER B 25 41.98 -10.54 32.84
C SER B 25 42.01 -9.20 32.08
N VAL B 26 42.98 -9.02 31.21
CA VAL B 26 43.16 -7.76 30.48
C VAL B 26 42.65 -7.90 29.05
N VAL B 27 43.09 -8.93 28.34
CA VAL B 27 42.57 -9.27 27.02
C VAL B 27 42.02 -10.70 27.07
N PRO B 28 40.69 -10.87 27.14
CA PRO B 28 40.18 -12.24 27.26
C PRO B 28 40.47 -13.13 26.06
N PHE B 29 40.53 -12.57 24.87
CA PHE B 29 40.62 -13.37 23.64
C PHE B 29 41.65 -12.73 22.73
N PRO B 30 42.93 -12.92 23.01
CA PRO B 30 43.98 -12.45 22.10
C PRO B 30 43.96 -13.24 20.81
N VAL B 31 44.61 -12.64 19.80
CA VAL B 31 44.69 -13.24 18.48
C VAL B 31 45.40 -14.57 18.52
N SER B 32 46.37 -14.73 19.45
CA SER B 32 47.08 -15.99 19.56
C SER B 32 46.13 -17.17 19.77
N ASN B 33 44.92 -16.94 20.30
CA ASN B 33 43.96 -18.04 20.38
C ASN B 33 43.50 -18.49 19.01
N ILE B 34 43.84 -17.75 17.96
CA ILE B 34 43.42 -18.08 16.59
C ILE B 34 44.53 -18.92 15.99
N THR B 35 44.48 -20.21 16.27
CA THR B 35 45.50 -21.13 15.79
C THR B 35 45.44 -21.24 14.26
N PRO B 36 46.47 -21.84 13.65
CA PRO B 36 46.40 -22.06 12.18
C PRO B 36 45.21 -22.90 11.74
N ALA B 37 44.77 -23.88 12.54
CA ALA B 37 43.59 -24.64 12.16
C ALA B 37 42.36 -23.73 12.10
N LYS B 38 42.16 -22.94 13.15
CA LYS B 38 41.03 -22.01 13.14
C LYS B 38 41.12 -21.04 11.97
N ALA B 39 42.35 -20.60 11.65
CA ALA B 39 42.55 -19.70 10.53
C ALA B 39 42.09 -20.34 9.24
N LYS B 40 42.35 -21.63 9.05
CA LYS B 40 41.88 -22.28 7.82
C LYS B 40 40.38 -22.51 7.84
N GLN B 41 39.74 -22.43 8.99
CA GLN B 41 38.28 -22.59 9.04
C GLN B 41 37.50 -21.30 8.74
N LEU B 42 38.17 -20.18 8.67
CA LEU B 42 37.57 -18.90 8.33
C LEU B 42 37.86 -18.53 6.88
N THR B 43 36.91 -17.82 6.26
CA THR B 43 37.20 -17.12 5.01
C THR B 43 37.40 -15.61 5.22
N HIS B 44 36.80 -15.04 6.24
CA HIS B 44 36.95 -13.63 6.55
C HIS B 44 36.98 -13.46 8.05
N ILE B 45 37.80 -12.53 8.52
CA ILE B 45 37.69 -11.95 9.84
C ILE B 45 37.33 -10.48 9.67
N ASN B 46 36.25 -10.05 10.31
CA ASN B 46 35.85 -8.64 10.35
C ASN B 46 36.42 -8.03 11.61
N PHE B 47 37.57 -7.37 11.49
CA PHE B 47 38.09 -6.60 12.62
C PHE B 47 37.12 -5.46 12.93
N SER B 48 36.78 -5.27 14.22
CA SER B 48 35.75 -4.32 14.65
C SER B 48 36.13 -3.59 15.93
N PHE B 49 35.82 -2.29 16.05
CA PHE B 49 35.13 -1.43 15.07
C PHE B 49 35.95 -0.16 14.79
N LEU B 50 36.01 0.28 13.54
CA LEU B 50 36.40 1.65 13.25
C LEU B 50 35.13 2.50 13.18
N ASP B 51 35.28 3.79 12.91
CA ASP B 51 34.19 4.75 13.01
C ASP B 51 34.32 5.75 11.87
N ILE B 52 33.41 6.72 11.83
CA ILE B 52 33.48 7.86 10.94
C ILE B 52 33.54 9.07 11.86
N ASN B 53 34.53 9.91 11.66
CA ASN B 53 34.73 11.02 12.59
C ASN B 53 34.01 12.26 12.09
N SER B 54 34.21 13.39 12.81
CA SER B 54 33.49 14.61 12.48
C SER B 54 34.02 15.26 11.21
N ASN B 55 35.20 14.86 10.74
CA ASN B 55 35.64 15.23 9.40
C ASN B 55 35.00 14.35 8.32
N LEU B 56 34.08 13.48 8.70
CA LEU B 56 33.37 12.63 7.76
C LEU B 56 34.36 11.75 7.00
N GLU B 57 35.35 11.23 7.71
CA GLU B 57 36.27 10.25 7.20
C GLU B 57 36.31 9.04 8.11
N CYS B 58 36.51 7.88 7.51
CA CYS B 58 36.79 6.66 8.26
C CYS B 58 37.99 6.88 9.17
N ALA B 59 37.86 6.50 10.44
CA ALA B 59 38.98 6.69 11.36
C ALA B 59 38.88 5.74 12.55
N TRP B 60 40.02 5.50 13.21
CA TRP B 60 40.04 4.80 14.49
C TRP B 60 39.46 5.70 15.58
N ASP B 61 38.87 5.09 16.61
CA ASP B 61 38.59 5.79 17.85
C ASP B 61 39.81 6.65 18.15
N PRO B 62 39.63 7.94 18.39
CA PRO B 62 40.80 8.82 18.60
C PRO B 62 41.64 8.43 19.80
N ALA B 63 41.09 7.67 20.74
CA ALA B 63 41.85 7.25 21.91
C ALA B 63 42.75 6.05 21.63
N THR B 64 42.82 5.60 20.40
CA THR B 64 43.54 4.38 20.06
C THR B 64 45.03 4.69 19.98
N ASN B 65 45.84 3.93 20.72
CA ASN B 65 47.29 3.91 20.49
C ASN B 65 47.53 3.34 19.10
N ASP B 66 48.03 4.14 18.18
CA ASP B 66 48.10 3.69 16.78
C ASP B 66 49.05 2.50 16.62
N ALA B 67 50.22 2.55 17.25
CA ALA B 67 51.15 1.44 17.09
C ALA B 67 50.54 0.14 17.59
N LYS B 68 49.86 0.21 18.75
CA LYS B 68 49.22 -0.98 19.31
C LYS B 68 48.14 -1.51 18.40
N ALA B 69 47.36 -0.62 17.77
CA ALA B 69 46.39 -1.06 16.77
C ALA B 69 47.07 -1.77 15.61
N ARG B 70 48.16 -1.17 15.11
CA ARG B 70 48.84 -1.80 13.99
C ARG B 70 49.30 -3.20 14.36
N ASP B 71 49.78 -3.36 15.59
CA ASP B 71 50.28 -4.66 16.02
C ASP B 71 49.15 -5.69 16.10
N VAL B 72 47.99 -5.29 16.65
CA VAL B 72 46.87 -6.24 16.69
C VAL B 72 46.50 -6.65 15.27
N VAL B 73 46.40 -5.66 14.38
CA VAL B 73 45.99 -5.96 13.02
C VAL B 73 47.01 -6.87 12.35
N ASN B 74 48.30 -6.64 12.59
CA ASN B 74 49.32 -7.52 12.04
C ASN B 74 49.15 -8.94 12.54
N ARG B 75 48.84 -9.10 13.82
CA ARG B 75 48.62 -10.45 14.33
C ARG B 75 47.51 -11.14 13.55
N LEU B 76 46.49 -10.37 13.13
CA LEU B 76 45.42 -10.97 12.33
C LEU B 76 45.87 -11.24 10.90
N THR B 77 46.57 -10.28 10.28
CA THR B 77 46.89 -10.49 8.86
C THR B 77 48.00 -11.52 8.69
N ALA B 78 48.80 -11.77 9.73
CA ALA B 78 49.77 -12.86 9.72
C ALA B 78 49.08 -14.21 9.56
N LEU B 79 47.83 -14.33 9.99
CA LEU B 79 47.10 -15.57 9.87
C LEU B 79 46.96 -15.98 8.42
N LYS B 80 47.12 -15.04 7.50
CA LYS B 80 46.94 -15.38 6.10
C LYS B 80 48.03 -16.33 5.61
N ALA B 81 49.13 -16.43 6.35
CA ALA B 81 50.16 -17.41 6.01
C ALA B 81 49.63 -18.84 6.06
N HIS B 82 48.49 -19.05 6.71
CA HIS B 82 47.92 -20.37 6.88
C HIS B 82 46.70 -20.61 6.00
N ASN B 83 46.21 -19.58 5.32
CA ASN B 83 45.00 -19.72 4.52
C ASN B 83 45.07 -18.64 3.44
N PRO B 84 45.45 -19.02 2.21
CA PRO B 84 45.54 -18.03 1.13
C PRO B 84 44.21 -17.46 0.69
N SER B 85 43.09 -18.00 1.17
CA SER B 85 41.78 -17.41 0.86
C SER B 85 41.30 -16.47 1.93
N LEU B 86 41.99 -16.37 3.06
CA LEU B 86 41.53 -15.59 4.17
C LEU B 86 41.67 -14.11 3.90
N ARG B 87 40.64 -13.35 4.26
CA ARG B 87 40.65 -11.90 4.21
C ARG B 87 40.39 -11.32 5.59
N ILE B 88 41.17 -10.30 5.94
CA ILE B 88 40.99 -9.57 7.19
C ILE B 88 40.32 -8.27 6.77
N MET B 89 38.99 -8.24 6.93
CA MET B 89 38.24 -7.02 6.66
C MET B 89 38.34 -6.08 7.85
N PHE B 90 37.91 -4.84 7.66
CA PHE B 90 37.64 -4.02 8.83
C PHE B 90 36.23 -3.49 8.71
N SER B 91 35.55 -3.41 9.85
CA SER B 91 34.16 -2.99 9.93
C SER B 91 34.07 -1.59 10.52
N ILE B 92 33.27 -0.75 9.87
CA ILE B 92 33.02 0.63 10.29
C ILE B 92 31.64 0.64 10.88
N GLY B 93 31.51 1.11 12.12
CA GLY B 93 30.17 1.26 12.67
C GLY B 93 29.87 0.47 13.93
N GLY B 94 28.88 -0.41 13.84
CA GLY B 94 28.38 -1.12 15.01
C GLY B 94 27.35 -0.28 15.72
N TRP B 95 26.61 -0.93 16.63
CA TRP B 95 25.48 -0.26 17.28
C TRP B 95 25.92 0.99 18.05
N TYR B 96 26.97 0.85 18.87
CA TYR B 96 27.39 1.95 19.75
C TYR B 96 27.69 3.23 18.96
N TYR B 97 28.45 3.10 17.89
CA TYR B 97 28.82 4.30 17.16
C TYR B 97 27.67 4.81 16.31
N SER B 98 26.89 3.92 15.69
CA SER B 98 26.06 4.31 14.54
C SER B 98 24.55 4.21 14.74
N ASN B 99 24.06 3.75 15.89
CA ASN B 99 22.61 3.76 16.09
C ASN B 99 22.13 5.21 16.14
N ASP B 100 20.82 5.42 16.01
CA ASP B 100 20.31 6.80 15.82
C ASP B 100 20.75 7.71 16.95
N LEU B 101 20.86 7.17 18.14
CA LEU B 101 21.22 7.93 19.33
C LEU B 101 22.67 7.67 19.72
N GLY B 102 23.48 7.08 18.81
CA GLY B 102 24.87 6.79 19.11
C GLY B 102 25.79 8.00 18.91
N VAL B 103 27.04 7.81 19.35
CA VAL B 103 27.93 8.95 19.53
C VAL B 103 28.38 9.51 18.20
N SER B 104 28.39 8.71 17.14
CA SER B 104 28.89 9.18 15.84
C SER B 104 27.82 9.22 14.76
N HIS B 105 26.54 9.02 15.09
CA HIS B 105 25.53 8.81 14.05
C HIS B 105 25.50 9.93 13.03
N ALA B 106 25.64 11.18 13.48
CA ALA B 106 25.55 12.30 12.56
C ALA B 106 26.63 12.22 11.51
N ASN B 107 27.80 11.69 11.86
CA ASN B 107 28.87 11.56 10.88
C ASN B 107 28.51 10.57 9.78
N TYR B 108 27.79 9.48 10.11
CA TYR B 108 27.32 8.56 9.07
C TYR B 108 26.34 9.27 8.16
N VAL B 109 25.38 9.99 8.74
CA VAL B 109 24.38 10.65 7.92
C VAL B 109 25.03 11.70 7.02
N ASN B 110 25.90 12.52 7.58
CA ASN B 110 26.48 13.60 6.78
C ASN B 110 27.54 13.12 5.79
N ALA B 111 28.26 12.03 6.09
CA ALA B 111 29.25 11.58 5.14
C ALA B 111 28.65 11.22 3.78
N VAL B 112 27.41 10.72 3.75
CA VAL B 112 26.88 10.12 2.53
C VAL B 112 26.03 11.13 1.78
N LYS B 113 26.06 12.37 2.21
CA LYS B 113 25.06 13.33 1.73
C LYS B 113 25.29 13.84 0.30
N THR B 114 26.52 14.14 -0.07
CA THR B 114 26.82 14.79 -1.35
C THR B 114 27.86 14.01 -2.11
N PRO B 115 27.98 14.26 -3.42
CA PRO B 115 29.09 13.67 -4.18
C PRO B 115 30.46 13.95 -3.57
N ALA B 116 30.71 15.19 -3.16
CA ALA B 116 32.01 15.51 -2.58
C ALA B 116 32.25 14.75 -1.28
N SER B 117 31.23 14.69 -0.40
CA SER B 117 31.43 14.02 0.88
C SER B 117 31.54 12.50 0.70
N ARG B 118 30.80 11.94 -0.26
CA ARG B 118 30.89 10.50 -0.53
C ARG B 118 32.25 10.16 -1.09
N ALA B 119 32.82 11.02 -1.96
CA ALA B 119 34.14 10.75 -2.49
C ALA B 119 35.20 10.82 -1.41
N LYS B 120 35.14 11.86 -0.56
CA LYS B 120 36.09 11.98 0.53
C LYS B 120 36.01 10.79 1.47
N PHE B 121 34.79 10.40 1.84
CA PHE B 121 34.62 9.24 2.72
C PHE B 121 35.15 7.98 2.06
N ALA B 122 34.72 7.68 0.86
CA ALA B 122 35.21 6.46 0.23
C ALA B 122 36.73 6.41 0.14
N GLN B 123 37.36 7.53 -0.21
CA GLN B 123 38.82 7.51 -0.28
C GLN B 123 39.42 7.30 1.08
N SER B 124 38.82 7.89 2.12
CA SER B 124 39.16 7.59 3.52
C SER B 124 39.17 6.05 3.77
N CYS B 125 38.16 5.39 3.24
CA CYS B 125 38.08 3.97 3.56
C CYS B 125 39.24 3.18 2.93
N VAL B 126 39.47 3.43 1.63
CA VAL B 126 40.53 2.72 0.92
C VAL B 126 41.90 3.05 1.52
N ARG B 127 42.08 4.30 1.95
CA ARG B 127 43.35 4.70 2.53
C ARG B 127 43.61 3.97 3.83
N ILE B 128 42.59 3.86 4.70
CA ILE B 128 42.76 3.11 5.94
C ILE B 128 43.09 1.65 5.64
N MET B 129 42.35 1.08 4.68
CA MET B 129 42.53 -0.31 4.31
C MET B 129 43.98 -0.56 3.97
N LYS B 130 44.53 0.26 3.06
CA LYS B 130 45.91 0.09 2.61
C LYS B 130 46.90 0.39 3.73
N ASP B 131 46.71 1.47 4.48
CA ASP B 131 47.67 1.82 5.53
C ASP B 131 47.84 0.69 6.54
N TYR B 132 46.74 0.00 6.89
CA TYR B 132 46.82 -0.99 7.95
C TYR B 132 46.91 -2.42 7.45
N GLY B 133 46.80 -2.65 6.15
CA GLY B 133 46.92 -3.99 5.62
C GLY B 133 45.66 -4.79 5.60
N PHE B 134 44.50 -4.15 5.58
CA PHE B 134 43.25 -4.88 5.54
C PHE B 134 42.94 -5.30 4.11
N ASP B 135 41.99 -6.22 3.97
CA ASP B 135 41.67 -6.84 2.69
C ASP B 135 40.31 -6.42 2.15
N GLY B 136 39.61 -5.53 2.84
CA GLY B 136 38.30 -5.10 2.41
C GLY B 136 37.62 -4.27 3.49
N VAL B 137 36.44 -3.77 3.11
CA VAL B 137 35.68 -2.83 3.91
C VAL B 137 34.31 -3.43 4.16
N ASP B 138 33.86 -3.38 5.41
CA ASP B 138 32.54 -3.78 5.85
C ASP B 138 31.94 -2.57 6.53
N ILE B 139 30.70 -2.22 6.17
CA ILE B 139 30.01 -1.12 6.84
C ILE B 139 28.83 -1.70 7.63
N ASP B 140 28.78 -1.34 8.92
CA ASP B 140 27.78 -1.83 9.85
CA ASP B 140 27.81 -1.83 9.87
C ASP B 140 27.04 -0.64 10.45
N TRP B 141 26.33 0.09 9.62
CA TRP B 141 25.53 1.23 10.07
C TRP B 141 24.18 0.67 10.44
N GLU B 142 23.81 0.81 11.71
CA GLU B 142 22.57 0.27 12.26
C GLU B 142 21.62 1.41 12.66
N TYR B 143 20.86 1.96 11.69
CA TYR B 143 20.67 1.53 10.29
C TYR B 143 20.32 2.84 9.51
N PRO B 144 20.68 2.93 8.24
CA PRO B 144 20.24 4.10 7.46
C PRO B 144 18.73 4.17 7.40
N GLN B 145 18.20 5.39 7.49
CA GLN B 145 16.78 5.64 7.37
C GLN B 145 16.45 6.04 5.93
N ALA B 146 15.15 6.04 5.58
CA ALA B 146 14.80 6.03 4.16
C ALA B 146 15.41 7.20 3.40
N ALA B 147 15.41 8.38 3.99
CA ALA B 147 15.94 9.55 3.26
C ALA B 147 17.44 9.50 3.06
N GLU B 148 18.14 8.70 3.87
CA GLU B 148 19.57 8.50 3.80
C GLU B 148 19.96 7.37 2.85
N VAL B 149 19.01 6.54 2.42
CA VAL B 149 19.39 5.32 1.70
C VAL B 149 20.08 5.65 0.38
N ASP B 150 19.49 6.56 -0.40
CA ASP B 150 20.11 6.85 -1.68
C ASP B 150 21.54 7.32 -1.50
N GLY B 151 21.77 8.16 -0.50
CA GLY B 151 23.14 8.61 -0.31
C GLY B 151 24.02 7.43 0.08
N PHE B 152 23.55 6.61 1.01
CA PHE B 152 24.27 5.42 1.43
C PHE B 152 24.59 4.56 0.20
N ILE B 153 23.60 4.35 -0.67
CA ILE B 153 23.87 3.54 -1.86
C ILE B 153 24.99 4.15 -2.66
N ALA B 154 24.92 5.46 -2.90
CA ALA B 154 25.95 6.07 -3.73
C ALA B 154 27.33 5.91 -3.10
N ALA B 155 27.38 5.97 -1.76
CA ALA B 155 28.66 5.82 -1.09
C ALA B 155 29.22 4.44 -1.32
N LEU B 156 28.35 3.43 -1.23
CA LEU B 156 28.80 2.07 -1.48
C LEU B 156 29.32 1.96 -2.91
N GLN B 157 28.59 2.56 -3.87
CA GLN B 157 29.04 2.49 -5.26
C GLN B 157 30.41 3.13 -5.39
N GLU B 158 30.60 4.26 -4.71
CA GLU B 158 31.89 4.94 -4.77
C GLU B 158 32.97 4.08 -4.17
N ILE B 159 32.69 3.44 -3.02
CA ILE B 159 33.71 2.58 -2.45
C ILE B 159 34.02 1.45 -3.42
N ARG B 160 32.97 0.89 -4.03
CA ARG B 160 33.19 -0.22 -4.95
C ARG B 160 34.17 0.21 -6.02
N THR B 161 33.92 1.40 -6.61
CA THR B 161 34.76 1.85 -7.70
C THR B 161 36.21 1.93 -7.27
N LEU B 162 36.47 2.48 -6.10
CA LEU B 162 37.84 2.64 -5.67
C LEU B 162 38.49 1.30 -5.39
N LEU B 163 37.76 0.39 -4.72
CA LEU B 163 38.36 -0.90 -4.37
C LEU B 163 38.76 -1.65 -5.61
N ASN B 164 37.88 -1.67 -6.61
CA ASN B 164 38.22 -2.34 -7.86
C ASN B 164 39.51 -1.76 -8.43
N GLN B 165 39.60 -0.41 -8.49
CA GLN B 165 40.82 0.17 -9.03
C GLN B 165 42.01 -0.31 -8.23
N GLN B 166 41.88 -0.30 -6.90
CA GLN B 166 42.99 -0.75 -6.05
C GLN B 166 43.33 -2.21 -6.36
N THR B 167 42.31 -3.02 -6.61
CA THR B 167 42.56 -4.41 -6.96
C THR B 167 43.53 -4.49 -8.13
N ILE B 168 43.25 -3.75 -9.20
CA ILE B 168 44.13 -3.84 -10.37
C ILE B 168 45.47 -3.18 -10.09
N THR B 169 45.48 -2.13 -9.26
CA THR B 169 46.73 -1.41 -9.07
C THR B 169 47.73 -2.22 -8.27
N ASP B 170 47.26 -3.07 -7.35
CA ASP B 170 48.14 -3.88 -6.53
C ASP B 170 48.31 -5.29 -7.04
N GLY B 171 47.71 -5.62 -8.18
CA GLY B 171 47.76 -6.98 -8.69
C GLY B 171 47.13 -7.98 -7.75
N ARG B 172 45.92 -7.68 -7.29
CA ARG B 172 45.20 -8.53 -6.35
C ARG B 172 44.05 -9.28 -7.01
N GLN B 173 44.16 -9.56 -8.32
CA GLN B 173 43.09 -10.23 -9.04
C GLN B 173 42.78 -11.62 -8.49
N ALA B 174 43.71 -12.23 -7.75
CA ALA B 174 43.48 -13.55 -7.19
C ALA B 174 42.75 -13.48 -5.86
N LEU B 175 42.76 -12.32 -5.21
CA LEU B 175 42.09 -12.11 -3.92
C LEU B 175 41.64 -10.66 -3.90
N PRO B 176 40.69 -10.30 -4.75
CA PRO B 176 40.32 -8.89 -4.88
C PRO B 176 39.80 -8.35 -3.55
N TYR B 177 40.00 -7.06 -3.37
CA TYR B 177 39.40 -6.36 -2.24
C TYR B 177 37.89 -6.47 -2.32
N GLN B 178 37.27 -6.53 -1.14
CA GLN B 178 35.84 -6.77 -1.04
C GLN B 178 35.15 -5.67 -0.24
N LEU B 179 33.84 -5.59 -0.46
CA LEU B 179 32.96 -4.64 0.20
C LEU B 179 31.74 -5.41 0.67
N THR B 180 31.44 -5.30 1.96
CA THR B 180 30.30 -5.94 2.57
C THR B 180 29.60 -4.95 3.50
N ILE B 181 28.36 -5.27 3.86
CA ILE B 181 27.66 -4.53 4.92
C ILE B 181 27.05 -5.57 5.84
N ALA B 182 26.83 -5.17 7.09
CA ALA B 182 25.92 -5.87 7.99
C ALA B 182 24.51 -5.32 7.78
N GLY B 183 23.55 -6.20 7.54
CA GLY B 183 22.19 -5.77 7.39
C GLY B 183 21.29 -6.22 8.54
N ALA B 184 20.16 -5.55 8.71
CA ALA B 184 19.18 -5.95 9.71
C ALA B 184 18.67 -7.37 9.44
N GLY B 185 18.42 -8.11 10.53
CA GLY B 185 17.85 -9.42 10.48
C GLY B 185 16.44 -9.53 11.02
N GLY B 186 15.82 -8.41 11.39
CA GLY B 186 14.42 -8.44 11.80
C GLY B 186 13.69 -7.32 11.07
N ALA B 187 12.40 -7.52 10.89
CA ALA B 187 11.61 -6.69 9.97
C ALA B 187 11.51 -5.23 10.43
N PHE B 188 11.58 -4.96 11.73
CA PHE B 188 11.39 -3.58 12.18
C PHE B 188 12.50 -2.69 11.66
N PHE B 189 13.75 -3.07 11.90
CA PHE B 189 14.81 -2.24 11.37
C PHE B 189 14.92 -2.40 9.86
N LEU B 190 14.66 -3.60 9.35
CA LEU B 190 14.80 -3.82 7.91
C LEU B 190 13.88 -2.88 7.13
N SER B 191 12.70 -2.58 7.68
CA SER B 191 11.73 -1.71 7.02
C SER B 191 12.27 -0.32 6.69
N ARG B 192 13.36 0.10 7.33
CA ARG B 192 13.92 1.40 7.00
C ARG B 192 14.39 1.47 5.55
N TYR B 193 15.00 0.40 5.03
CA TYR B 193 15.64 0.49 3.73
C TYR B 193 15.22 -0.64 2.79
N TYR B 194 14.25 -1.45 3.20
CA TYR B 194 13.89 -2.67 2.47
C TYR B 194 13.57 -2.42 1.00
N SER B 195 12.82 -1.33 0.73
CA SER B 195 12.41 -1.05 -0.65
C SER B 195 13.58 -0.86 -1.58
N LYS B 196 14.79 -0.55 -1.06
CA LYS B 196 15.93 -0.32 -1.92
C LYS B 196 16.99 -1.41 -1.81
N LEU B 197 16.64 -2.59 -1.31
CA LEU B 197 17.64 -3.63 -1.14
C LEU B 197 18.43 -3.91 -2.42
N ALA B 198 17.76 -3.94 -3.58
CA ALA B 198 18.51 -4.25 -4.80
C ALA B 198 19.65 -3.26 -4.99
N GLN B 199 19.35 -1.96 -4.88
CA GLN B 199 20.37 -0.95 -5.10
C GLN B 199 21.49 -1.11 -4.11
N ILE B 200 21.12 -1.45 -2.87
CA ILE B 200 22.11 -1.59 -1.80
C ILE B 200 23.03 -2.77 -2.08
N VAL B 201 22.47 -3.89 -2.53
CA VAL B 201 23.36 -5.07 -2.58
C VAL B 201 24.18 -5.12 -3.86
N ALA B 202 23.79 -4.38 -4.90
CA ALA B 202 24.48 -4.43 -6.17
C ALA B 202 25.98 -4.23 -6.04
N PRO B 203 26.49 -3.25 -5.28
CA PRO B 203 27.94 -3.07 -5.22
C PRO B 203 28.64 -4.00 -4.24
N LEU B 204 27.90 -4.84 -3.53
CA LEU B 204 28.51 -5.64 -2.48
C LEU B 204 28.87 -7.05 -2.94
N ASP B 205 29.92 -7.60 -2.32
CA ASP B 205 30.14 -9.04 -2.41
C ASP B 205 29.15 -9.80 -1.53
N TYR B 206 28.84 -9.27 -0.34
CA TYR B 206 27.89 -9.95 0.54
C TYR B 206 27.13 -8.93 1.37
N ILE B 207 25.93 -9.31 1.77
CA ILE B 207 25.21 -8.62 2.83
C ILE B 207 25.06 -9.64 3.95
N ASN B 208 25.59 -9.29 5.11
CA ASN B 208 25.68 -10.18 6.26
C ASN B 208 24.54 -9.90 7.20
N LEU B 209 23.54 -10.78 7.23
CA LEU B 209 22.31 -10.52 7.96
C LEU B 209 22.49 -10.78 9.44
N MET B 210 22.07 -9.83 10.27
CA MET B 210 22.17 -9.95 11.73
C MET B 210 20.92 -10.69 12.29
N THR B 211 20.84 -11.95 11.87
CA THR B 211 19.74 -12.84 12.23
C THR B 211 19.99 -13.45 13.62
N TYR B 212 20.04 -12.53 14.57
CA TYR B 212 20.09 -12.81 15.97
C TYR B 212 19.57 -11.60 16.71
N ASP B 213 19.60 -11.64 18.03
CA ASP B 213 18.95 -10.60 18.83
C ASP B 213 17.48 -10.44 18.44
N LEU B 214 16.86 -11.51 17.92
CA LEU B 214 15.45 -11.46 17.61
C LEU B 214 14.61 -11.65 18.87
N ALA B 215 15.23 -11.83 20.03
CA ALA B 215 14.56 -11.82 21.32
C ALA B 215 15.54 -11.15 22.26
N GLY B 216 15.00 -10.65 23.38
CA GLY B 216 15.77 -9.91 24.32
C GLY B 216 14.94 -9.36 25.45
N PRO B 217 15.61 -8.87 26.49
CA PRO B 217 14.88 -8.35 27.67
C PRO B 217 14.01 -7.15 27.36
N TRP B 218 14.30 -6.41 26.28
CA TRP B 218 13.42 -5.34 25.83
C TRP B 218 12.06 -5.89 25.37
N GLU B 219 11.95 -7.19 25.16
CA GLU B 219 10.68 -7.81 24.82
C GLU B 219 10.03 -8.31 26.10
N LYS B 220 8.70 -8.32 26.10
CA LYS B 220 7.93 -8.62 27.29
C LYS B 220 7.84 -10.13 27.56
N VAL B 221 8.12 -10.94 26.55
CA VAL B 221 8.00 -12.39 26.61
C VAL B 221 9.35 -13.00 26.28
N THR B 222 9.74 -14.02 27.05
CA THR B 222 10.93 -14.77 26.72
C THR B 222 10.74 -15.49 25.37
N ASN B 223 11.83 -15.64 24.62
CA ASN B 223 11.77 -16.26 23.29
C ASN B 223 13.18 -16.61 22.83
N HIS B 224 13.26 -17.37 21.75
CA HIS B 224 14.53 -17.69 21.13
C HIS B 224 15.00 -16.49 20.31
N GLN B 225 16.30 -16.14 20.45
CA GLN B 225 16.83 -14.98 19.77
C GLN B 225 17.24 -15.25 18.33
N ALA B 226 17.31 -16.51 17.92
CA ALA B 226 17.73 -16.86 16.56
C ALA B 226 17.07 -18.17 16.14
N ALA B 227 15.75 -18.23 16.34
CA ALA B 227 14.97 -19.37 15.87
C ALA B 227 15.12 -19.49 14.37
N LEU B 228 15.43 -20.70 13.90
CA LEU B 228 15.51 -20.91 12.46
C LEU B 228 14.11 -20.82 11.85
N PHE B 229 13.18 -21.60 12.38
CA PHE B 229 11.80 -21.67 11.94
C PHE B 229 10.90 -21.28 13.12
N GLY B 230 9.62 -21.09 12.84
CA GLY B 230 8.73 -20.63 13.86
C GLY B 230 8.09 -21.76 14.68
N ASP B 231 7.78 -21.42 15.91
CA ASP B 231 6.98 -22.23 16.82
C ASP B 231 5.65 -21.51 17.07
N ALA B 232 4.54 -22.12 16.63
CA ALA B 232 3.23 -21.52 16.82
C ALA B 232 2.95 -21.22 18.27
N ALA B 233 3.57 -21.96 19.19
CA ALA B 233 3.39 -21.68 20.61
C ALA B 233 4.10 -20.41 21.04
N GLY B 234 5.05 -19.91 20.25
CA GLY B 234 5.80 -18.75 20.65
C GLY B 234 5.10 -17.44 20.29
N PRO B 235 5.70 -16.34 20.72
CA PRO B 235 5.14 -15.03 20.38
C PRO B 235 5.23 -14.74 18.90
N THR B 236 4.33 -13.85 18.43
CA THR B 236 4.35 -13.39 17.06
C THR B 236 4.40 -11.86 17.04
N PHE B 237 4.87 -11.32 15.93
CA PHE B 237 5.15 -9.89 15.83
C PHE B 237 4.45 -9.24 14.64
N TYR B 238 4.14 -7.97 14.82
CA TYR B 238 3.75 -7.09 13.71
C TYR B 238 4.76 -7.15 12.58
N ASN B 239 4.31 -7.42 11.37
CA ASN B 239 5.20 -7.39 10.21
C ASN B 239 5.37 -5.99 9.64
N ALA B 240 6.42 -5.31 10.09
CA ALA B 240 6.62 -3.90 9.76
C ALA B 240 6.87 -3.68 8.29
N LEU B 241 7.25 -4.73 7.55
CA LEU B 241 7.55 -4.53 6.14
C LEU B 241 6.31 -4.06 5.37
N ARG B 242 5.12 -4.37 5.86
CA ARG B 242 3.90 -3.93 5.20
C ARG B 242 3.71 -2.42 5.29
N GLU B 243 4.54 -1.74 6.08
CA GLU B 243 4.54 -0.28 6.17
C GLU B 243 5.72 0.36 5.44
N ALA B 244 6.55 -0.42 4.77
CA ALA B 244 7.66 0.16 4.01
C ALA B 244 7.14 0.86 2.76
N ASN B 245 7.92 1.80 2.23
CA ASN B 245 7.44 2.61 1.10
C ASN B 245 7.70 1.86 -0.21
N LEU B 246 6.87 0.86 -0.46
CA LEU B 246 7.11 -0.01 -1.62
C LEU B 246 6.24 0.36 -2.80
N GLY B 247 5.10 0.98 -2.53
CA GLY B 247 4.18 1.32 -3.59
C GLY B 247 3.29 0.21 -4.08
N TRP B 248 3.16 -0.86 -3.29
CA TRP B 248 2.39 -2.02 -3.68
C TRP B 248 0.92 -1.89 -3.24
N SER B 249 0.06 -2.66 -3.89
CA SER B 249 -1.37 -2.66 -3.55
C SER B 249 -1.62 -3.44 -2.27
N TRP B 250 -2.85 -3.30 -1.74
CA TRP B 250 -3.21 -4.01 -0.52
C TRP B 250 -3.02 -5.51 -0.68
N GLU B 251 -3.49 -6.07 -1.80
CA GLU B 251 -3.31 -7.52 -1.98
C GLU B 251 -1.84 -7.90 -2.06
N GLU B 252 -1.03 -7.06 -2.69
CA GLU B 252 0.39 -7.39 -2.83
C GLU B 252 1.07 -7.38 -1.47
N LEU B 253 0.83 -6.33 -0.72
CA LEU B 253 1.41 -6.23 0.63
C LEU B 253 0.98 -7.40 1.49
N THR B 254 -0.32 -7.72 1.48
CA THR B 254 -0.81 -8.79 2.33
C THR B 254 -0.19 -10.12 1.96
N ARG B 255 -0.06 -10.41 0.68
CA ARG B 255 0.51 -11.71 0.32
C ARG B 255 2.01 -11.79 0.60
N ALA B 256 2.70 -10.64 0.57
CA ALA B 256 4.14 -10.64 0.86
C ALA B 256 4.43 -10.63 2.36
N PHE B 257 3.56 -10.05 3.17
CA PHE B 257 3.88 -9.73 4.56
C PHE B 257 2.76 -10.20 5.49
N PRO B 258 2.62 -11.51 5.69
CA PRO B 258 1.68 -12.01 6.72
C PRO B 258 1.98 -11.39 8.09
N SER B 259 0.92 -11.12 8.85
CA SER B 259 1.12 -10.44 10.13
C SER B 259 -0.06 -10.84 11.00
N PRO B 260 0.14 -11.18 12.30
CA PRO B 260 1.47 -11.26 12.94
C PRO B 260 2.26 -12.42 12.33
N PHE B 261 3.56 -12.45 12.55
CA PHE B 261 4.41 -13.48 11.99
C PHE B 261 5.48 -13.84 13.01
N SER B 262 6.14 -14.96 12.73
CA SER B 262 7.22 -15.48 13.58
C SER B 262 8.55 -14.91 13.11
N LEU B 263 9.20 -14.23 14.04
CA LEU B 263 10.43 -13.48 13.79
C LEU B 263 11.55 -14.50 13.88
N THR B 264 11.96 -15.01 12.74
CA THR B 264 12.91 -16.11 12.65
C THR B 264 14.01 -15.77 11.66
N VAL B 265 15.07 -16.57 11.69
CA VAL B 265 16.11 -16.47 10.67
C VAL B 265 15.52 -16.71 9.29
N ASP B 266 14.71 -17.76 9.14
CA ASP B 266 14.11 -18.07 7.83
C ASP B 266 13.27 -16.89 7.32
N ALA B 267 12.57 -16.22 8.23
CA ALA B 267 11.76 -15.07 7.81
C ALA B 267 12.64 -13.99 7.18
N ALA B 268 13.76 -13.65 7.85
CA ALA B 268 14.64 -12.62 7.34
C ALA B 268 15.18 -13.01 5.98
N VAL B 269 15.61 -14.26 5.83
CA VAL B 269 16.19 -14.65 4.56
C VAL B 269 15.15 -14.58 3.44
N GLN B 270 13.97 -15.15 3.70
CA GLN B 270 12.94 -15.19 2.67
C GLN B 270 12.45 -13.77 2.36
N GLN B 271 12.40 -12.90 3.35
CA GLN B 271 12.05 -11.50 3.09
C GLN B 271 13.05 -10.86 2.15
N HIS B 272 14.34 -11.17 2.30
CA HIS B 272 15.31 -10.63 1.36
C HIS B 272 15.07 -11.17 -0.05
N LEU B 273 14.85 -12.49 -0.15
CA LEU B 273 14.70 -13.11 -1.47
C LEU B 273 13.38 -12.74 -2.15
N MET B 274 12.40 -12.19 -1.43
CA MET B 274 11.16 -11.76 -2.11
C MET B 274 11.37 -10.53 -2.98
N MET B 275 12.51 -9.86 -2.86
CA MET B 275 12.77 -8.61 -3.57
C MET B 275 13.57 -8.91 -4.83
N GLU B 276 13.14 -8.37 -5.97
CA GLU B 276 13.89 -8.66 -7.18
C GLU B 276 15.24 -7.98 -7.15
N GLY B 277 16.22 -8.61 -7.79
CA GLY B 277 17.58 -8.15 -7.82
C GLY B 277 18.41 -8.43 -6.59
N VAL B 278 17.96 -9.31 -5.69
CA VAL B 278 18.75 -9.68 -4.52
C VAL B 278 19.15 -11.15 -4.64
N PRO B 279 20.35 -11.44 -5.06
CA PRO B 279 20.71 -12.84 -5.37
C PRO B 279 21.07 -13.60 -4.10
N SER B 280 20.60 -14.86 -4.03
CA SER B 280 20.81 -15.64 -2.81
C SER B 280 22.29 -15.77 -2.50
N ALA B 281 23.15 -15.80 -3.51
CA ALA B 281 24.58 -15.98 -3.30
C ALA B 281 25.22 -14.84 -2.51
N LYS B 282 24.62 -13.66 -2.49
CA LYS B 282 25.16 -12.56 -1.71
C LYS B 282 24.64 -12.54 -0.26
N ILE B 283 23.63 -13.33 0.05
CA ILE B 283 23.03 -13.31 1.38
C ILE B 283 23.84 -14.20 2.29
N VAL B 284 24.31 -13.65 3.42
CA VAL B 284 25.03 -14.43 4.42
C VAL B 284 24.21 -14.44 5.70
N MET B 285 24.02 -15.62 6.27
CA MET B 285 23.26 -15.73 7.50
C MET B 285 24.13 -15.50 8.73
N GLY B 286 23.74 -14.59 9.58
CA GLY B 286 24.40 -14.40 10.82
C GLY B 286 23.93 -15.39 11.88
N VAL B 287 24.87 -15.76 12.76
CA VAL B 287 24.53 -16.58 13.93
C VAL B 287 25.27 -16.03 15.14
N PRO B 288 24.68 -16.22 16.34
CA PRO B 288 25.32 -15.68 17.54
C PRO B 288 26.18 -16.72 18.23
N PHE B 289 27.35 -16.31 18.76
CA PHE B 289 28.19 -17.14 19.62
C PHE B 289 27.95 -16.82 21.09
N TYR B 290 26.81 -16.24 21.39
CA TYR B 290 26.48 -15.77 22.73
C TYR B 290 25.00 -16.06 22.95
N GLY B 291 24.61 -16.18 24.22
CA GLY B 291 23.23 -16.32 24.62
C GLY B 291 22.76 -15.08 25.36
N ARG B 292 21.45 -14.95 25.44
CA ARG B 292 20.80 -13.90 26.20
C ARG B 292 20.00 -14.54 27.32
N ALA B 293 20.02 -13.90 28.50
CA ALA B 293 19.50 -14.47 29.73
C ALA B 293 18.39 -13.61 30.30
N PHE B 294 17.37 -14.30 30.83
CA PHE B 294 16.20 -13.71 31.44
C PHE B 294 16.01 -14.27 32.85
N LYS B 295 15.60 -13.40 33.76
CA LYS B 295 15.28 -13.72 35.14
C LYS B 295 13.81 -13.54 35.38
N GLY B 296 13.31 -14.24 36.40
CA GLY B 296 11.91 -14.13 36.76
C GLY B 296 10.95 -14.87 35.84
N VAL B 297 11.35 -16.01 35.33
CA VAL B 297 10.57 -16.72 34.34
C VAL B 297 9.79 -17.82 35.02
N SER B 298 8.63 -18.14 34.47
CA SER B 298 7.79 -19.20 35.00
C SER B 298 8.20 -20.55 34.41
N GLY B 299 7.69 -21.61 35.03
CA GLY B 299 7.94 -22.96 34.57
C GLY B 299 6.83 -23.43 33.65
N GLY B 300 6.90 -24.71 33.30
CA GLY B 300 5.91 -25.35 32.46
C GLY B 300 6.33 -25.49 31.01
N ASN B 301 7.21 -24.61 30.53
CA ASN B 301 7.72 -24.70 29.18
C ASN B 301 9.24 -24.50 29.15
N GLY B 302 9.92 -24.87 30.22
CA GLY B 302 11.34 -24.63 30.27
C GLY B 302 11.73 -23.18 30.30
N GLY B 303 10.81 -22.31 30.71
CA GLY B 303 11.05 -20.89 30.67
C GLY B 303 10.77 -20.23 29.34
N GLN B 304 10.35 -20.98 28.32
CA GLN B 304 10.02 -20.38 27.04
C GLN B 304 8.72 -19.61 27.12
N TYR B 305 8.69 -18.45 26.48
CA TYR B 305 7.44 -17.74 26.23
C TYR B 305 6.75 -17.36 27.53
N SER B 306 7.55 -17.00 28.54
CA SER B 306 7.08 -16.61 29.85
C SER B 306 7.37 -15.14 30.11
N SER B 307 6.63 -14.57 31.06
CA SER B 307 6.93 -13.27 31.60
C SER B 307 8.30 -13.28 32.27
N HIS B 308 8.81 -12.10 32.58
CA HIS B 308 10.13 -12.05 33.19
C HIS B 308 10.34 -10.70 33.88
N SER B 309 11.47 -10.63 34.59
CA SER B 309 11.82 -9.52 35.48
C SER B 309 13.14 -8.89 35.10
N THR B 310 13.60 -9.09 33.86
CA THR B 310 14.91 -8.61 33.43
C THR B 310 14.85 -7.14 33.02
N PRO B 311 15.80 -6.31 33.48
CA PRO B 311 15.88 -4.94 32.96
C PRO B 311 16.32 -4.91 31.50
N GLY B 312 15.81 -3.91 30.77
CA GLY B 312 16.07 -3.81 29.34
C GLY B 312 16.97 -2.67 28.95
N GLU B 313 17.34 -1.83 29.91
CA GLU B 313 18.09 -0.61 29.62
C GLU B 313 19.59 -0.90 29.55
N ASP B 314 20.30 -0.03 28.85
CA ASP B 314 21.75 -0.12 28.76
C ASP B 314 22.37 1.21 29.20
N PRO B 315 23.43 1.18 30.03
CA PRO B 315 24.04 -0.04 30.57
C PRO B 315 23.14 -0.77 31.59
N TYR B 316 23.56 -1.94 32.03
CA TYR B 316 22.78 -2.68 33.02
C TYR B 316 22.58 -1.80 34.25
N PRO B 317 21.34 -1.48 34.64
CA PRO B 317 21.07 -0.51 35.72
C PRO B 317 21.06 -1.19 37.10
N SER B 318 22.07 -1.97 37.40
CA SER B 318 22.13 -2.72 38.65
C SER B 318 23.55 -3.24 38.83
N THR B 319 23.79 -3.85 40.00
CA THR B 319 25.01 -4.62 40.26
C THR B 319 24.65 -6.04 40.67
N ASP B 320 23.36 -6.39 40.61
CA ASP B 320 22.87 -7.74 40.90
C ASP B 320 23.13 -8.63 39.70
N TYR B 321 24.13 -9.50 39.80
CA TYR B 321 24.48 -10.45 38.76
C TYR B 321 23.90 -11.82 39.14
N TRP B 322 22.69 -12.07 38.67
CA TRP B 322 21.86 -13.17 39.11
C TRP B 322 21.98 -14.41 38.25
N LEU B 323 23.00 -14.51 37.41
CA LEU B 323 23.11 -15.60 36.45
C LEU B 323 24.15 -16.57 37.02
N VAL B 324 23.67 -17.48 37.87
CA VAL B 324 24.58 -18.33 38.64
C VAL B 324 25.59 -18.95 37.70
N GLY B 325 26.86 -18.79 38.03
CA GLY B 325 27.92 -19.48 37.32
C GLY B 325 28.65 -18.64 36.29
N CYS B 326 28.16 -17.45 35.96
CA CYS B 326 28.74 -16.67 34.86
C CYS B 326 29.76 -15.64 35.43
N GLU B 327 30.99 -16.09 35.57
CA GLU B 327 32.20 -15.25 35.61
C GLU B 327 32.09 -13.93 34.84
N GLU B 328 31.88 -14.07 33.53
CA GLU B 328 31.96 -12.91 32.66
C GLU B 328 30.86 -11.91 32.97
N CYS B 329 29.71 -12.36 33.47
CA CYS B 329 28.65 -11.42 33.80
C CYS B 329 29.11 -10.43 34.85
N VAL B 330 29.94 -10.89 35.80
CA VAL B 330 30.47 -9.96 36.80
C VAL B 330 31.59 -9.14 36.19
N ARG B 331 32.53 -9.79 35.50
CA ARG B 331 33.60 -9.05 34.84
C ARG B 331 33.03 -7.90 34.02
N ASP B 332 32.15 -8.21 33.09
CA ASP B 332 31.53 -7.25 32.19
C ASP B 332 30.28 -6.60 32.77
N LYS B 333 29.84 -7.01 33.95
CA LYS B 333 28.82 -6.29 34.70
C LYS B 333 27.51 -6.20 33.92
N ASP B 334 27.03 -7.35 33.45
CA ASP B 334 25.73 -7.50 32.80
C ASP B 334 25.34 -8.97 32.85
N PRO B 335 24.30 -9.33 33.61
CA PRO B 335 23.89 -10.74 33.67
C PRO B 335 23.00 -11.18 32.51
N ARG B 336 22.72 -10.30 31.56
CA ARG B 336 21.77 -10.60 30.48
C ARG B 336 22.41 -11.23 29.26
N ILE B 337 23.73 -11.24 29.16
CA ILE B 337 24.41 -11.81 28.01
C ILE B 337 25.56 -12.67 28.49
N ALA B 338 25.80 -13.77 27.79
CA ALA B 338 26.87 -14.67 28.19
C ALA B 338 27.39 -15.40 26.97
N SER B 339 28.70 -15.40 26.82
CA SER B 339 29.34 -16.09 25.71
C SER B 339 29.07 -17.59 25.74
N TYR B 340 29.18 -18.21 24.58
CA TYR B 340 29.03 -19.65 24.52
C TYR B 340 30.04 -20.34 25.41
N ARG B 341 31.28 -19.84 25.43
CA ARG B 341 32.30 -20.36 26.34
C ARG B 341 31.75 -20.45 27.76
N GLN B 342 31.30 -19.30 28.29
CA GLN B 342 30.79 -19.26 29.66
C GLN B 342 29.59 -20.19 29.84
N LEU B 343 28.69 -20.24 28.87
CA LEU B 343 27.50 -21.07 29.02
C LEU B 343 27.87 -22.55 29.10
N GLU B 344 28.81 -22.99 28.26
CA GLU B 344 29.34 -24.34 28.38
C GLU B 344 29.85 -24.57 29.81
N GLN B 345 30.64 -23.63 30.33
CA GLN B 345 31.19 -23.79 31.67
C GLN B 345 30.09 -23.84 32.73
N MET B 346 29.01 -23.09 32.53
CA MET B 346 27.88 -23.19 33.44
C MET B 346 27.19 -24.55 33.32
N LEU B 347 27.22 -25.14 32.12
CA LEU B 347 26.57 -26.42 31.93
C LEU B 347 27.34 -27.55 32.58
N GLN B 348 28.67 -27.49 32.53
CA GLN B 348 29.49 -28.55 33.12
C GLN B 348 29.75 -28.34 34.60
N GLY B 349 29.48 -27.16 35.13
CA GLY B 349 29.75 -26.84 36.52
C GLY B 349 28.65 -27.19 37.51
N ASN B 350 27.59 -27.87 37.07
CA ASN B 350 26.59 -28.41 37.99
C ASN B 350 25.99 -27.30 38.85
N TYR B 351 25.46 -26.28 38.17
CA TYR B 351 24.85 -25.15 38.85
C TYR B 351 23.33 -25.23 38.89
N GLY B 352 22.75 -26.27 38.31
CA GLY B 352 21.31 -26.38 38.23
C GLY B 352 20.72 -25.99 36.90
N TYR B 353 21.53 -25.91 35.85
CA TYR B 353 21.04 -25.58 34.52
C TYR B 353 20.74 -26.87 33.76
N GLN B 354 19.61 -26.89 33.09
CA GLN B 354 19.26 -27.97 32.18
C GLN B 354 19.29 -27.46 30.75
N ARG B 355 19.91 -28.23 29.86
CA ARG B 355 19.88 -27.91 28.44
C ARG B 355 18.68 -28.61 27.80
N LEU B 356 17.78 -27.84 27.19
CA LEU B 356 16.64 -28.36 26.47
C LEU B 356 16.71 -27.91 25.02
N TRP B 357 15.88 -28.52 24.19
CA TRP B 357 15.93 -28.36 22.75
C TRP B 357 14.54 -28.10 22.24
N ASN B 358 14.39 -27.11 21.37
CA ASN B 358 13.13 -26.87 20.69
C ASN B 358 13.26 -27.36 19.26
N ASP B 359 12.46 -28.37 18.91
CA ASP B 359 12.60 -29.05 17.63
C ASP B 359 11.75 -28.44 16.54
N LYS B 360 11.05 -27.35 16.83
CA LYS B 360 10.47 -26.51 15.80
C LYS B 360 11.45 -25.41 15.40
N THR B 361 11.95 -24.65 16.38
CA THR B 361 12.91 -23.59 16.10
C THR B 361 14.28 -24.16 15.79
N LYS B 362 14.49 -25.42 16.15
CA LYS B 362 15.77 -26.09 15.97
C LYS B 362 16.87 -25.35 16.71
N THR B 363 16.60 -25.01 17.96
CA THR B 363 17.58 -24.27 18.73
C THR B 363 17.57 -24.77 20.16
N PRO B 364 18.69 -24.62 20.87
CA PRO B 364 18.75 -25.01 22.29
C PRO B 364 18.38 -23.86 23.21
N TYR B 365 18.10 -24.23 24.45
CA TYR B 365 17.94 -23.25 25.50
C TYR B 365 18.36 -23.86 26.83
N LEU B 366 18.59 -23.00 27.80
CA LEU B 366 18.91 -23.37 29.16
C LEU B 366 17.79 -22.94 30.09
N TYR B 367 17.42 -23.82 31.02
CA TYR B 367 16.45 -23.48 32.04
C TYR B 367 17.05 -23.78 33.42
N HIS B 368 16.77 -22.88 34.36
CA HIS B 368 17.22 -23.00 35.74
C HIS B 368 15.97 -22.92 36.61
N ALA B 369 15.50 -24.09 37.04
CA ALA B 369 14.18 -24.17 37.66
C ALA B 369 14.15 -23.51 39.03
N GLN B 370 15.22 -23.66 39.82
CA GLN B 370 15.09 -23.20 41.19
C GLN B 370 15.16 -21.69 41.29
N ASN B 371 16.03 -21.02 40.50
CA ASN B 371 16.01 -19.56 40.51
C ASN B 371 15.30 -18.96 39.30
N GLY B 372 14.71 -19.78 38.42
CA GLY B 372 13.86 -19.31 37.35
C GLY B 372 14.60 -18.50 36.30
N LEU B 373 15.57 -19.13 35.64
CA LEU B 373 16.39 -18.47 34.64
C LEU B 373 16.17 -19.14 33.29
N PHE B 374 16.15 -18.33 32.23
CA PHE B 374 15.99 -18.80 30.86
C PHE B 374 17.12 -18.22 30.03
N VAL B 375 17.80 -19.05 29.26
CA VAL B 375 18.88 -18.59 28.38
C VAL B 375 18.60 -19.10 26.96
N THR B 376 18.57 -18.18 26.00
CA THR B 376 18.48 -18.56 24.60
C THR B 376 19.86 -18.42 23.93
N TYR B 377 20.29 -19.45 23.21
CA TYR B 377 21.61 -19.44 22.59
C TYR B 377 21.61 -20.41 21.42
N ASP B 378 22.72 -20.45 20.68
CA ASP B 378 22.99 -21.43 19.65
C ASP B 378 24.21 -22.31 20.01
N ASP B 379 24.32 -23.46 19.35
CA ASP B 379 25.42 -24.39 19.59
C ASP B 379 25.63 -25.20 18.32
N ALA B 380 26.50 -26.22 18.38
CA ALA B 380 26.85 -26.96 17.16
C ALA B 380 25.69 -27.78 16.57
N GLU B 381 24.71 -28.13 17.40
CA GLU B 381 23.51 -28.80 16.91
C GLU B 381 22.63 -27.81 16.11
N SER B 382 22.31 -26.65 16.68
CA SER B 382 21.47 -25.73 15.90
C SER B 382 22.17 -25.33 14.59
N PHE B 383 23.51 -25.33 14.62
CA PHE B 383 24.25 -24.91 13.43
C PHE B 383 24.15 -25.94 12.33
N LYS B 384 23.92 -27.21 12.68
CA LYS B 384 23.67 -28.17 11.60
C LYS B 384 22.47 -27.76 10.73
N TYR B 385 21.37 -27.38 11.38
CA TYR B 385 20.18 -27.02 10.63
C TYR B 385 20.39 -25.73 9.88
N LYS B 386 21.08 -24.77 10.51
CA LYS B 386 21.35 -23.52 9.80
C LYS B 386 22.26 -23.71 8.62
N ALA B 387 23.24 -24.62 8.72
CA ALA B 387 24.13 -24.85 7.61
C ALA B 387 23.41 -25.59 6.48
N LYS B 388 22.55 -26.54 6.83
CA LYS B 388 21.78 -27.19 5.78
C LYS B 388 20.86 -26.18 5.08
N TYR B 389 20.31 -25.25 5.84
CA TYR B 389 19.46 -24.20 5.23
C TYR B 389 20.25 -23.34 4.26
N ILE B 390 21.46 -22.92 4.69
CA ILE B 390 22.35 -22.16 3.83
C ILE B 390 22.59 -22.91 2.53
N LYS B 391 22.81 -24.23 2.62
CA LYS B 391 23.05 -24.96 1.38
C LYS B 391 21.78 -25.07 0.52
N GLN B 392 20.66 -25.41 1.14
CA GLN B 392 19.41 -25.61 0.42
C GLN B 392 18.95 -24.32 -0.25
N GLN B 393 19.13 -23.19 0.42
CA GLN B 393 18.69 -21.90 -0.10
C GLN B 393 19.74 -21.23 -0.97
N GLN B 394 20.86 -21.91 -1.19
CA GLN B 394 21.97 -21.39 -1.99
C GLN B 394 22.42 -20.00 -1.53
N LEU B 395 22.57 -19.83 -0.23
CA LEU B 395 23.06 -18.59 0.34
C LEU B 395 24.58 -18.57 0.25
N GLY B 396 25.14 -17.40 0.56
CA GLY B 396 26.58 -17.22 0.39
C GLY B 396 27.44 -17.83 1.47
N GLY B 397 26.88 -18.06 2.63
CA GLY B 397 27.67 -18.51 3.75
C GLY B 397 27.07 -18.08 5.07
N VAL B 398 27.95 -17.99 6.06
CA VAL B 398 27.58 -17.73 7.43
C VAL B 398 28.48 -16.65 8.00
N MET B 399 27.94 -15.87 8.91
CA MET B 399 28.66 -14.83 9.62
C MET B 399 28.37 -15.07 11.09
N PHE B 400 29.29 -14.69 11.95
CA PHE B 400 29.00 -14.80 13.37
C PHE B 400 29.64 -13.70 14.19
N TRP B 401 28.92 -13.35 15.26
CA TRP B 401 29.38 -12.44 16.30
C TRP B 401 29.50 -13.22 17.61
N HIS B 402 30.71 -13.33 18.16
CA HIS B 402 32.00 -12.96 17.54
C HIS B 402 33.02 -14.00 18.04
N LEU B 403 34.18 -14.02 17.41
CA LEU B 403 35.19 -15.05 17.63
C LEU B 403 35.54 -15.24 19.10
N GLY B 404 35.65 -14.14 19.84
CA GLY B 404 36.10 -14.21 21.22
C GLY B 404 35.13 -14.86 22.15
N GLN B 405 33.96 -15.30 21.65
CA GLN B 405 32.94 -15.94 22.46
C GLN B 405 32.88 -17.45 22.26
N ASP B 406 33.53 -17.98 21.23
CA ASP B 406 33.65 -19.42 21.06
C ASP B 406 34.44 -20.00 22.24
N ASN B 407 34.36 -21.32 22.44
CA ASN B 407 35.13 -21.85 23.57
C ASN B 407 36.61 -21.93 23.17
N ARG B 408 37.47 -22.29 24.12
CA ARG B 408 38.92 -22.23 23.85
C ARG B 408 39.31 -23.16 22.71
N ASN B 409 38.59 -24.26 22.53
CA ASN B 409 38.93 -25.13 21.41
C ASN B 409 38.35 -24.70 20.08
N GLY B 410 37.50 -23.68 20.08
CA GLY B 410 36.87 -23.21 18.84
C GLY B 410 35.89 -24.19 18.26
N ASP B 411 35.09 -24.85 19.11
CA ASP B 411 34.18 -25.88 18.65
C ASP B 411 33.09 -25.30 17.72
N LEU B 412 32.57 -24.11 18.02
CA LEU B 412 31.52 -23.55 17.17
C LEU B 412 32.05 -23.26 15.75
N LEU B 413 33.20 -22.61 15.66
CA LEU B 413 33.82 -22.34 14.35
C LEU B 413 34.12 -23.63 13.61
N ALA B 414 34.68 -24.60 14.34
CA ALA B 414 34.97 -25.89 13.75
C ALA B 414 33.70 -26.53 13.23
N ALA B 415 32.61 -26.41 13.98
CA ALA B 415 31.35 -27.02 13.54
C ALA B 415 30.88 -26.42 12.22
N LEU B 416 30.88 -25.10 12.11
CA LEU B 416 30.47 -24.46 10.84
C LEU B 416 31.32 -24.93 9.68
N ASP B 417 32.65 -24.92 9.87
CA ASP B 417 33.52 -25.36 8.78
C ASP B 417 33.23 -26.81 8.40
N ARG B 418 32.98 -27.66 9.39
CA ARG B 418 32.74 -29.07 9.12
C ARG B 418 31.48 -29.25 8.27
N TYR B 419 30.41 -28.57 8.68
CA TYR B 419 29.12 -28.77 8.02
C TYR B 419 29.19 -28.32 6.58
N PHE B 420 30.05 -27.33 6.29
CA PHE B 420 30.18 -26.93 4.89
C PHE B 420 31.18 -27.75 4.10
N ASN B 421 32.28 -28.19 4.71
CA ASN B 421 33.41 -28.67 3.92
C ASN B 421 33.92 -30.08 4.25
N ALA B 422 33.51 -30.68 5.35
CA ALA B 422 34.13 -31.92 5.80
C ALA B 422 33.62 -33.08 4.97
N ALA B 423 34.55 -33.87 4.46
CA ALA B 423 34.16 -35.03 3.67
C ALA B 423 33.49 -36.09 4.52
N ASP B 424 33.70 -36.08 5.84
CA ASP B 424 33.13 -37.10 6.70
C ASP B 424 31.88 -36.62 7.42
N TYR B 425 31.27 -35.55 6.90
CA TYR B 425 29.99 -35.03 7.41
C TYR B 425 28.97 -35.18 6.29
N ASP B 426 27.80 -35.73 6.62
CA ASP B 426 26.76 -36.05 5.64
C ASP B 426 25.43 -35.62 6.25
N ASP B 427 24.89 -34.46 5.83
CA ASP B 427 23.58 -34.03 6.34
C ASP B 427 22.43 -34.36 5.39
N SER B 428 22.63 -35.28 4.45
CA SER B 428 21.62 -35.61 3.46
C SER B 428 20.27 -36.00 4.12
N GLN B 429 20.34 -36.65 5.27
CA GLN B 429 19.11 -37.14 5.91
C GLN B 429 18.69 -36.28 7.11
N LEU B 430 19.31 -35.12 7.29
CA LEU B 430 18.96 -34.28 8.43
C LEU B 430 17.54 -33.76 8.24
N ASP B 431 16.70 -33.92 9.26
CA ASP B 431 15.28 -33.60 9.13
C ASP B 431 15.06 -32.17 9.57
N MET B 432 14.60 -31.31 8.66
CA MET B 432 14.51 -29.87 9.00
C MET B 432 13.28 -29.55 9.82
N GLY B 433 12.39 -30.50 10.05
CA GLY B 433 11.34 -30.34 11.02
C GLY B 433 10.11 -29.70 10.42
N THR B 434 9.13 -29.48 11.29
CA THR B 434 7.85 -28.93 10.86
C THR B 434 7.60 -27.54 11.42
N GLY B 435 8.66 -26.83 11.83
CA GLY B 435 8.48 -25.46 12.25
C GLY B 435 7.91 -24.58 11.14
N LEU B 436 7.41 -23.42 11.54
CA LEU B 436 6.76 -22.54 10.56
C LEU B 436 7.76 -21.91 9.60
N ARG B 437 7.49 -22.09 8.32
CA ARG B 437 8.18 -21.42 7.24
C ARG B 437 7.52 -20.08 6.93
N TYR B 438 8.33 -19.13 6.53
CA TYR B 438 7.82 -17.86 6.02
C TYR B 438 7.36 -18.04 4.59
N THR B 439 6.08 -17.73 4.32
CA THR B 439 5.44 -18.06 3.05
C THR B 439 5.07 -16.86 2.19
N GLY B 440 5.54 -15.66 2.49
CA GLY B 440 5.17 -14.50 1.69
C GLY B 440 5.70 -14.60 0.28
N VAL B 441 4.98 -13.99 -0.64
CA VAL B 441 5.36 -13.95 -2.04
C VAL B 441 5.48 -12.50 -2.48
N GLY B 442 6.55 -12.18 -3.20
CA GLY B 442 6.78 -10.86 -3.70
C GLY B 442 7.36 -10.92 -5.11
N PRO B 443 7.76 -9.76 -5.64
CA PRO B 443 8.25 -9.73 -7.03
C PRO B 443 9.46 -10.61 -7.28
N GLY B 444 10.27 -10.87 -6.26
CA GLY B 444 11.47 -11.65 -6.45
C GLY B 444 11.31 -13.13 -6.34
N ASN B 445 10.14 -13.59 -5.92
CA ASN B 445 9.91 -15.02 -5.84
C ASN B 445 8.54 -15.38 -6.40
N LEU B 446 8.11 -14.68 -7.45
CA LEU B 446 6.90 -15.09 -8.15
C LEU B 446 7.10 -16.42 -8.88
N PRO B 447 6.15 -17.33 -8.80
CA PRO B 447 6.31 -18.62 -9.49
C PRO B 447 6.13 -18.49 -11.00
N ILE B 448 6.80 -19.39 -11.71
CA ILE B 448 6.46 -19.60 -13.09
C ILE B 448 5.01 -20.07 -13.17
N MET B 449 4.24 -19.50 -14.09
CA MET B 449 2.86 -19.88 -14.30
C MET B 449 2.56 -19.83 -15.79
N THR B 450 1.45 -20.47 -16.18
CA THR B 450 1.04 -20.49 -17.57
C THR B 450 -0.45 -20.16 -17.69
N ALA B 451 -0.78 -19.35 -18.68
CA ALA B 451 -2.17 -18.94 -18.88
C ALA B 451 -2.35 -18.49 -20.31
N PRO B 452 -3.57 -18.57 -20.84
CA PRO B 452 -3.85 -18.02 -22.17
C PRO B 452 -3.49 -16.55 -22.26
N ALA B 453 -2.99 -16.16 -23.42
CA ALA B 453 -2.67 -14.77 -23.66
C ALA B 453 -3.91 -13.92 -23.43
N TYR B 454 -3.70 -12.72 -22.91
CA TYR B 454 -4.78 -11.74 -22.80
C TYR B 454 -5.33 -11.42 -24.18
N VAL B 455 -6.64 -11.25 -24.25
CA VAL B 455 -7.33 -10.96 -25.51
C VAL B 455 -8.04 -9.60 -25.39
N PRO B 456 -7.54 -8.54 -26.04
CA PRO B 456 -8.19 -7.24 -25.90
C PRO B 456 -9.62 -7.29 -26.43
N GLY B 457 -10.48 -6.44 -25.88
CA GLY B 457 -11.88 -6.50 -26.24
C GLY B 457 -12.67 -7.61 -25.56
N THR B 458 -12.02 -8.39 -24.70
CA THR B 458 -12.65 -9.48 -23.94
C THR B 458 -13.04 -9.00 -22.56
N THR B 459 -14.14 -9.54 -22.05
CA THR B 459 -14.61 -9.27 -20.70
C THR B 459 -14.31 -10.50 -19.86
N TYR B 460 -13.60 -10.31 -18.75
CA TYR B 460 -13.17 -11.42 -17.92
C TYR B 460 -13.93 -11.46 -16.61
N ALA B 461 -14.16 -12.66 -16.12
CA ALA B 461 -14.78 -12.90 -14.83
C ALA B 461 -13.74 -12.85 -13.72
N GLN B 462 -14.26 -12.80 -12.49
CA GLN B 462 -13.42 -12.80 -11.30
C GLN B 462 -12.62 -14.11 -11.23
N GLY B 463 -11.32 -14.00 -11.00
CA GLY B 463 -10.45 -15.16 -10.86
C GLY B 463 -9.79 -15.61 -12.14
N ALA B 464 -10.13 -14.99 -13.25
CA ALA B 464 -9.59 -15.40 -14.53
C ALA B 464 -8.10 -15.12 -14.55
N LEU B 465 -7.37 -15.97 -15.27
CA LEU B 465 -5.91 -15.86 -15.40
C LEU B 465 -5.55 -15.64 -16.85
N VAL B 466 -4.70 -14.64 -17.11
CA VAL B 466 -4.15 -14.42 -18.45
C VAL B 466 -2.66 -14.17 -18.37
N SER B 467 -1.98 -14.30 -19.51
CA SER B 467 -0.59 -13.96 -19.67
C SER B 467 -0.52 -12.67 -20.44
N TYR B 468 0.34 -11.75 -20.01
CA TYR B 468 0.47 -10.45 -20.64
C TYR B 468 1.78 -9.82 -20.23
N GLN B 469 2.56 -9.37 -21.22
CA GLN B 469 3.77 -8.58 -20.98
C GLN B 469 4.65 -9.23 -19.92
N GLY B 470 4.80 -10.53 -20.02
CA GLY B 470 5.78 -11.23 -19.22
C GLY B 470 5.26 -11.76 -17.92
N TYR B 471 4.02 -11.44 -17.52
CA TYR B 471 3.49 -11.98 -16.28
C TYR B 471 2.17 -12.70 -16.50
N VAL B 472 1.82 -13.50 -15.52
CA VAL B 472 0.48 -14.07 -15.39
C VAL B 472 -0.26 -13.23 -14.36
N TRP B 473 -1.47 -12.82 -14.72
CA TRP B 473 -2.31 -11.95 -13.94
C TRP B 473 -3.65 -12.61 -13.66
N GLN B 474 -4.22 -12.26 -12.51
CA GLN B 474 -5.54 -12.72 -12.07
C GLN B 474 -6.43 -11.53 -11.78
N THR B 475 -7.68 -11.61 -12.19
CA THR B 475 -8.63 -10.55 -11.89
C THR B 475 -9.12 -10.64 -10.45
N LYS B 476 -9.29 -9.50 -9.81
CA LYS B 476 -9.76 -9.41 -8.43
C LYS B 476 -11.27 -9.21 -8.32
N TRP B 477 -11.96 -8.89 -9.41
CA TRP B 477 -13.40 -8.85 -9.44
C TRP B 477 -13.83 -9.11 -10.88
N GLY B 478 -15.12 -8.91 -11.16
CA GLY B 478 -15.71 -9.36 -12.40
C GLY B 478 -15.97 -8.24 -13.40
N TYR B 479 -16.33 -8.65 -14.62
CA TYR B 479 -16.68 -7.71 -15.69
C TYR B 479 -15.48 -6.85 -16.03
N ILE B 480 -14.31 -7.47 -16.12
CA ILE B 480 -13.07 -6.74 -16.37
C ILE B 480 -12.88 -6.51 -17.87
N THR B 481 -12.89 -5.24 -18.30
CA THR B 481 -12.69 -4.91 -19.70
C THR B 481 -11.34 -4.26 -19.94
N SER B 482 -10.55 -4.06 -18.90
CA SER B 482 -9.27 -3.38 -18.99
C SER B 482 -8.15 -4.41 -19.14
N ALA B 483 -6.97 -3.94 -19.66
CA ALA B 483 -5.84 -4.83 -19.85
C ALA B 483 -5.02 -4.93 -18.57
N PRO B 484 -4.37 -6.06 -18.34
CA PRO B 484 -3.58 -6.20 -17.10
C PRO B 484 -2.49 -5.15 -17.01
N GLY B 485 -2.11 -4.81 -15.77
CA GLY B 485 -1.11 -3.81 -15.46
C GLY B 485 -1.62 -2.42 -15.66
N SER B 486 -2.66 -2.27 -16.48
CA SER B 486 -3.30 -1.05 -16.91
C SER B 486 -4.37 -0.59 -15.94
N ASP B 487 -4.50 -1.27 -14.78
CA ASP B 487 -5.73 -1.24 -14.02
C ASP B 487 -5.60 -1.88 -12.62
N SER B 488 -6.34 -1.30 -11.67
CA SER B 488 -6.43 -1.88 -10.33
C SER B 488 -7.04 -3.27 -10.31
N ALA B 489 -7.66 -3.71 -11.40
CA ALA B 489 -8.44 -4.93 -11.38
C ALA B 489 -7.58 -6.19 -11.41
N TRP B 490 -6.32 -6.07 -11.79
CA TRP B 490 -5.52 -7.23 -12.11
C TRP B 490 -4.34 -7.35 -11.14
N LEU B 491 -4.03 -8.57 -10.74
CA LEU B 491 -3.00 -8.87 -9.75
C LEU B 491 -1.94 -9.73 -10.44
N LYS B 492 -0.69 -9.27 -10.41
CA LYS B 492 0.44 -10.07 -10.83
C LYS B 492 0.58 -11.28 -9.93
N VAL B 493 0.46 -12.49 -10.49
CA VAL B 493 0.61 -13.69 -9.67
C VAL B 493 1.71 -14.62 -10.15
N GLY B 494 2.20 -14.47 -11.38
CA GLY B 494 3.30 -15.36 -11.74
C GLY B 494 4.08 -14.76 -12.88
N ARG B 495 5.18 -15.45 -13.24
CA ARG B 495 6.01 -15.04 -14.37
C ARG B 495 5.78 -16.00 -15.54
N VAL B 496 5.79 -15.43 -16.73
CA VAL B 496 5.78 -16.21 -17.98
C VAL B 496 7.18 -16.77 -18.23
#